data_1OG5
#
_entry.id   1OG5
#
_cell.length_a   164.757
_cell.length_b   164.757
_cell.length_c   110.762
_cell.angle_alpha   90.00
_cell.angle_beta   90.00
_cell.angle_gamma   120.00
#
_symmetry.space_group_name_H-M   'P 3 2 1'
#
loop_
_entity.id
_entity.type
_entity.pdbx_description
1 polymer 'CYTOCHROME P450 2C9'
2 non-polymer 'HEME C'
3 non-polymer S-WARFARIN
4 water water
#
_entity_poly.entity_id   1
_entity_poly.type   'polypeptide(L)'
_entity_poly.pdbx_seq_one_letter_code
;MAKKTSSKGRPPGPTPLPVIGNILQIGIKDISKSLTNLSKVYGPVFTLYFGLKPIVVLHGYEAVKEALIDLGEEFSGRGI
FPLAERANRGFGIVFSNGKKWKEIRRFSLMTLRNFGMGKRSIEDRVQEEARCLVEELRKTKASPCDPTFILGCAPCNVIC
SIIFHKRFDYKDQQFLNLMEKLNENIEILSSPWIQVYNNFPALLDYFPGTHNKLLKNVAFMKSYILEKVKEHQESMDMNN
PQDFIDCFLMKMEKEKHNQPSEFTIESLENTAVDLFGAGTETTSTTLRYALLLLLKHPEVTAKVQEEIERVIGRNRSPCM
QDRSHMPYTDAVVHEVQRYIDLLPTSLPHAVTCDIKFRNYLIPKGTTILISLTSVLHDNKEFPNPEMFDPHHFLDEGGNF
KKSKYFMPFSAGKRICVGEALAGMELFLFLTSILQNFNLKSLVDPKNLDTTPVVNGFASVPPFYQLCFIPVHHHH
;
_entity_poly.pdbx_strand_id   A,B
#
loop_
_chem_comp.id
_chem_comp.type
_chem_comp.name
_chem_comp.formula
HEC non-polymer 'HEME C' 'C34 H34 Fe N4 O4'
SWF non-polymer S-WARFARIN 'C19 H16 O4'
#
# COMPACT_ATOMS: atom_id res chain seq x y z
N PRO A 11 -3.84 37.73 -10.77
CA PRO A 11 -2.83 36.66 -11.04
C PRO A 11 -1.64 37.38 -11.68
N PRO A 12 -0.66 37.80 -10.86
CA PRO A 12 0.56 38.53 -11.23
C PRO A 12 1.52 37.81 -12.16
N GLY A 13 2.34 38.59 -12.84
CA GLY A 13 3.31 38.02 -13.75
C GLY A 13 3.97 39.12 -14.54
N PRO A 14 5.06 38.84 -15.27
CA PRO A 14 5.74 39.87 -16.07
C PRO A 14 4.78 40.42 -17.11
N THR A 15 4.76 41.74 -17.26
CA THR A 15 3.86 42.38 -18.23
C THR A 15 4.37 42.07 -19.64
N PRO A 16 3.50 41.48 -20.48
CA PRO A 16 3.84 41.11 -21.85
C PRO A 16 4.02 42.28 -22.80
N LEU A 17 4.84 42.05 -23.81
CA LEU A 17 5.08 43.01 -24.86
C LEU A 17 3.86 42.92 -25.79
N PRO A 18 3.62 43.92 -26.69
CA PRO A 18 2.46 43.93 -27.59
C PRO A 18 1.96 42.64 -28.23
N VAL A 19 2.83 41.95 -28.98
CA VAL A 19 2.41 40.73 -29.66
C VAL A 19 3.26 39.50 -29.34
N ILE A 20 4.51 39.74 -28.99
CA ILE A 20 5.43 38.65 -28.68
C ILE A 20 5.25 38.10 -27.27
N GLY A 21 4.46 38.80 -26.45
CA GLY A 21 4.20 38.37 -25.09
C GLY A 21 5.40 38.37 -24.16
N ASN A 22 5.59 37.25 -23.46
CA ASN A 22 6.70 37.09 -22.52
C ASN A 22 7.84 36.24 -23.09
N ILE A 23 7.86 36.12 -24.41
CA ILE A 23 8.88 35.33 -25.11
C ILE A 23 10.33 35.73 -24.77
N LEU A 24 10.52 37.03 -24.51
CA LEU A 24 11.85 37.55 -24.19
C LEU A 24 12.38 37.11 -22.85
N GLN A 25 11.49 36.66 -21.99
CA GLN A 25 11.90 36.20 -20.67
C GLN A 25 11.90 34.69 -20.46
N ILE A 26 10.97 33.99 -21.11
CA ILE A 26 10.93 32.54 -20.96
C ILE A 26 11.77 31.84 -22.02
N GLY A 27 11.71 32.37 -23.24
CA GLY A 27 12.47 31.81 -24.32
C GLY A 27 11.77 30.79 -25.18
N ILE A 28 12.58 29.83 -25.62
CA ILE A 28 12.17 28.76 -26.53
C ILE A 28 13.06 27.55 -26.21
N LYS A 29 14.06 27.84 -25.39
CA LYS A 29 15.07 26.90 -24.93
C LYS A 29 14.56 26.05 -23.76
N ASP A 30 15.13 26.29 -22.59
CA ASP A 30 14.75 25.60 -21.36
C ASP A 30 13.72 26.48 -20.69
N ILE A 31 12.48 26.38 -21.17
CA ILE A 31 11.40 27.18 -20.64
C ILE A 31 10.95 26.78 -19.23
N SER A 32 11.56 25.73 -18.69
CA SER A 32 11.24 25.27 -17.34
C SER A 32 12.11 26.00 -16.34
N LYS A 33 13.34 26.29 -16.76
CA LYS A 33 14.29 27.00 -15.91
C LYS A 33 13.79 28.41 -15.66
N SER A 34 13.19 29.00 -16.70
CA SER A 34 12.63 30.33 -16.63
C SER A 34 11.47 30.41 -15.67
N LEU A 35 10.63 29.35 -15.64
CA LEU A 35 9.47 29.28 -14.76
C LEU A 35 9.87 29.29 -13.29
N THR A 36 10.92 28.55 -12.96
CA THR A 36 11.44 28.49 -11.60
C THR A 36 12.00 29.86 -11.19
N ASN A 37 12.70 30.51 -12.11
CA ASN A 37 13.26 31.83 -11.86
C ASN A 37 12.14 32.85 -11.68
N LEU A 38 11.10 32.72 -12.49
CA LEU A 38 9.95 33.61 -12.42
C LEU A 38 9.14 33.45 -11.14
N SER A 39 9.13 32.23 -10.59
CA SER A 39 8.40 31.96 -9.35
C SER A 39 9.07 32.61 -8.16
N LYS A 40 10.38 32.84 -8.26
CA LYS A 40 11.14 33.49 -7.21
C LYS A 40 10.70 34.95 -7.06
N VAL A 41 10.15 35.52 -8.14
CA VAL A 41 9.71 36.90 -8.12
C VAL A 41 8.21 37.13 -8.09
N TYR A 42 7.44 36.23 -8.71
CA TYR A 42 5.99 36.40 -8.75
C TYR A 42 5.19 35.51 -7.84
N GLY A 43 5.85 34.54 -7.23
CA GLY A 43 5.18 33.64 -6.33
C GLY A 43 4.84 32.29 -6.97
N PRO A 44 4.10 31.43 -6.27
CA PRO A 44 3.72 30.10 -6.76
C PRO A 44 2.63 30.08 -7.83
N VAL A 45 1.87 31.18 -7.95
CA VAL A 45 0.79 31.27 -8.92
C VAL A 45 0.96 32.53 -9.78
N PHE A 46 1.52 32.35 -10.98
CA PHE A 46 1.74 33.49 -11.86
C PHE A 46 1.24 33.36 -13.29
N THR A 47 1.05 34.51 -13.94
CA THR A 47 0.57 34.58 -15.31
C THR A 47 1.69 34.79 -16.32
N LEU A 48 1.57 34.11 -17.44
CA LEU A 48 2.53 34.18 -18.52
C LEU A 48 1.81 34.24 -19.85
N TYR A 49 2.39 34.96 -20.81
CA TYR A 49 1.81 35.08 -22.14
C TYR A 49 2.65 34.47 -23.23
N PHE A 50 2.04 33.54 -23.95
CA PHE A 50 2.66 32.88 -25.10
C PHE A 50 1.94 33.55 -26.26
N GLY A 51 2.48 34.70 -26.67
CA GLY A 51 1.86 35.48 -27.72
C GLY A 51 0.72 36.23 -27.03
N LEU A 52 -0.51 35.93 -27.42
CA LEU A 52 -1.67 36.58 -26.81
C LEU A 52 -2.30 35.69 -25.76
N LYS A 53 -2.03 34.39 -25.85
CA LYS A 53 -2.57 33.39 -24.93
C LYS A 53 -2.05 33.52 -23.49
N PRO A 54 -2.97 33.68 -22.52
CA PRO A 54 -2.63 33.81 -21.10
C PRO A 54 -2.56 32.44 -20.44
N ILE A 55 -1.46 32.18 -19.74
CA ILE A 55 -1.25 30.90 -19.08
C ILE A 55 -0.99 31.14 -17.60
N VAL A 56 -1.51 30.25 -16.77
CA VAL A 56 -1.27 30.33 -15.33
C VAL A 56 -0.33 29.18 -14.97
N VAL A 57 0.79 29.53 -14.35
CA VAL A 57 1.77 28.54 -13.91
C VAL A 57 1.61 28.32 -12.41
N LEU A 58 1.65 27.04 -12.00
CA LEU A 58 1.57 26.66 -10.59
C LEU A 58 2.94 26.10 -10.26
N HIS A 59 3.61 26.67 -9.26
CA HIS A 59 4.96 26.23 -8.95
C HIS A 59 5.29 25.24 -7.83
N GLY A 60 5.08 25.58 -6.56
CA GLY A 60 5.47 24.62 -5.53
C GLY A 60 4.60 23.40 -5.34
N TYR A 61 5.00 22.53 -4.42
CA TYR A 61 4.22 21.33 -4.13
C TYR A 61 2.86 21.73 -3.58
N GLU A 62 2.86 22.71 -2.67
CA GLU A 62 1.63 23.18 -2.05
C GLU A 62 0.59 23.67 -3.04
N ALA A 63 1.02 24.49 -4.01
CA ALA A 63 0.12 25.02 -5.03
C ALA A 63 -0.33 23.93 -6.01
N VAL A 64 0.58 23.01 -6.34
CA VAL A 64 0.27 21.90 -7.25
C VAL A 64 -0.73 20.96 -6.60
N LYS A 65 -0.44 20.57 -5.35
CA LYS A 65 -1.32 19.68 -4.57
C LYS A 65 -2.70 20.30 -4.48
N GLU A 66 -2.75 21.55 -4.05
CA GLU A 66 -4.00 22.28 -3.88
C GLU A 66 -4.84 22.33 -5.14
N ALA A 67 -4.20 22.56 -6.27
CA ALA A 67 -4.93 22.61 -7.52
C ALA A 67 -5.33 21.24 -8.05
N LEU A 68 -4.34 20.36 -8.23
CA LEU A 68 -4.57 19.02 -8.76
C LEU A 68 -5.38 18.07 -7.90
N ILE A 69 -5.20 18.17 -6.59
CA ILE A 69 -5.93 17.31 -5.67
C ILE A 69 -7.12 17.99 -5.02
N ASP A 70 -6.88 19.04 -4.22
CA ASP A 70 -7.96 19.76 -3.50
C ASP A 70 -9.04 20.24 -4.45
N LEU A 71 -8.63 20.85 -5.55
CA LEU A 71 -9.55 21.34 -6.57
C LEU A 71 -9.42 20.49 -7.84
N GLY A 72 -9.29 19.19 -7.63
CA GLY A 72 -9.12 18.23 -8.70
C GLY A 72 -10.00 18.31 -9.94
N GLU A 73 -11.31 18.38 -9.74
CA GLU A 73 -12.28 18.46 -10.85
C GLU A 73 -12.10 19.70 -11.70
N GLU A 74 -11.95 20.83 -11.01
CA GLU A 74 -11.79 22.13 -11.64
C GLU A 74 -10.51 22.23 -12.48
N PHE A 75 -9.48 21.47 -12.11
CA PHE A 75 -8.20 21.46 -12.82
C PHE A 75 -7.96 20.19 -13.62
N SER A 76 -9.03 19.49 -13.97
CA SER A 76 -8.91 18.25 -14.74
C SER A 76 -9.04 18.44 -16.23
N GLY A 77 -9.16 19.69 -16.66
CA GLY A 77 -9.28 19.97 -18.08
C GLY A 77 -7.93 19.82 -18.76
N ARG A 78 -7.96 19.49 -20.05
CA ARG A 78 -6.76 19.34 -20.85
C ARG A 78 -6.60 20.64 -21.63
N GLY A 79 -5.44 21.27 -21.45
CA GLY A 79 -5.15 22.51 -22.18
C GLY A 79 -4.51 22.14 -23.50
N ILE A 80 -4.78 22.94 -24.53
CA ILE A 80 -4.21 22.63 -25.85
C ILE A 80 -3.60 23.86 -26.48
N PHE A 81 -2.30 23.78 -26.77
CA PHE A 81 -1.58 24.88 -27.42
C PHE A 81 -1.86 24.85 -28.93
N PRO A 82 -1.65 25.99 -29.64
CA PRO A 82 -1.86 26.11 -31.09
C PRO A 82 -1.40 24.99 -31.99
N LEU A 83 -0.12 24.64 -31.89
CA LEU A 83 0.46 23.58 -32.69
C LEU A 83 -0.23 22.24 -32.48
N ALA A 84 -0.42 21.86 -31.21
CA ALA A 84 -1.06 20.60 -30.87
C ALA A 84 -2.50 20.57 -31.39
N GLU A 85 -3.18 21.71 -31.33
CA GLU A 85 -4.56 21.83 -31.79
C GLU A 85 -4.70 21.58 -33.29
N ARG A 86 -3.79 22.16 -34.07
CA ARG A 86 -3.81 22.03 -35.52
C ARG A 86 -3.31 20.68 -36.01
N ALA A 87 -2.42 20.06 -35.23
CA ALA A 87 -1.85 18.77 -35.56
C ALA A 87 -2.73 17.59 -35.13
N ASN A 88 -3.84 17.90 -34.47
CA ASN A 88 -4.73 16.88 -33.99
C ASN A 88 -6.12 16.93 -34.65
N ARG A 89 -6.53 15.79 -35.17
CA ARG A 89 -7.83 15.62 -35.81
C ARG A 89 -8.44 14.41 -35.11
N GLY A 90 -9.38 14.66 -34.19
CA GLY A 90 -10.00 13.57 -33.46
C GLY A 90 -9.51 13.50 -32.03
N PHE A 91 -10.41 13.15 -31.13
CA PHE A 91 -10.08 13.06 -29.71
C PHE A 91 -10.24 11.66 -29.14
N GLY A 92 -9.23 11.23 -28.40
CA GLY A 92 -9.27 9.93 -27.79
C GLY A 92 -9.33 10.05 -26.29
N ILE A 93 -8.15 10.14 -25.68
CA ILE A 93 -8.05 10.26 -24.24
C ILE A 93 -7.16 11.44 -23.85
N VAL A 94 -5.98 11.50 -24.46
CA VAL A 94 -4.98 12.51 -24.18
C VAL A 94 -5.43 13.95 -24.42
N PHE A 95 -6.07 14.19 -25.56
CA PHE A 95 -6.52 15.54 -25.91
C PHE A 95 -7.98 15.83 -25.60
N SER A 96 -8.71 14.83 -25.10
CA SER A 96 -10.14 14.98 -24.78
C SER A 96 -10.49 15.78 -23.53
N ASN A 97 -11.75 16.21 -23.45
CA ASN A 97 -12.30 17.00 -22.34
C ASN A 97 -13.76 16.59 -22.10
N GLY A 98 -14.29 16.95 -20.93
CA GLY A 98 -15.69 16.64 -20.60
C GLY A 98 -16.08 15.18 -20.48
N LYS A 99 -17.28 14.85 -20.96
CA LYS A 99 -17.84 13.50 -20.92
C LYS A 99 -17.07 12.51 -21.78
N LYS A 100 -16.57 12.96 -22.92
CA LYS A 100 -15.80 12.10 -23.82
C LYS A 100 -14.54 11.62 -23.13
N TRP A 101 -13.89 12.53 -22.41
CA TRP A 101 -12.68 12.19 -21.68
C TRP A 101 -13.01 11.28 -20.51
N LYS A 102 -13.93 11.73 -19.65
CA LYS A 102 -14.35 10.98 -18.47
C LYS A 102 -14.68 9.52 -18.78
N GLU A 103 -15.47 9.30 -19.82
CA GLU A 103 -15.87 7.95 -20.20
C GLU A 103 -14.76 7.09 -20.77
N ILE A 104 -14.07 7.61 -21.79
CA ILE A 104 -12.97 6.86 -22.42
C ILE A 104 -11.83 6.58 -21.44
N ARG A 105 -11.56 7.51 -20.53
CA ARG A 105 -10.50 7.31 -19.56
C ARG A 105 -10.85 6.23 -18.56
N ARG A 106 -12.09 6.28 -18.05
CA ARG A 106 -12.59 5.31 -17.07
C ARG A 106 -12.49 3.91 -17.64
N PHE A 107 -12.88 3.79 -18.91
CA PHE A 107 -12.86 2.54 -19.61
C PHE A 107 -11.42 2.03 -19.76
N SER A 108 -10.53 2.90 -20.25
CA SER A 108 -9.13 2.56 -20.47
C SER A 108 -8.46 2.10 -19.19
N LEU A 109 -8.71 2.81 -18.09
CA LEU A 109 -8.13 2.44 -16.80
C LEU A 109 -8.63 1.07 -16.39
N MET A 110 -9.89 0.78 -16.72
CA MET A 110 -10.52 -0.51 -16.42
C MET A 110 -9.83 -1.65 -17.17
N THR A 111 -9.63 -1.49 -18.47
CA THR A 111 -8.98 -2.50 -19.30
C THR A 111 -7.49 -2.60 -19.05
N LEU A 112 -6.90 -1.54 -18.53
CA LEU A 112 -5.47 -1.53 -18.23
C LEU A 112 -5.08 -2.13 -16.90
N ARG A 113 -6.06 -2.71 -16.19
CA ARG A 113 -5.81 -3.37 -14.92
C ARG A 113 -5.00 -4.62 -15.25
N ASN A 114 -4.21 -5.12 -14.30
CA ASN A 114 -3.38 -6.29 -14.54
C ASN A 114 -4.11 -7.48 -15.13
N PHE A 115 -5.32 -7.74 -14.63
CA PHE A 115 -6.14 -8.85 -15.10
C PHE A 115 -7.43 -8.32 -15.74
N GLY A 116 -7.38 -7.11 -16.26
CA GLY A 116 -8.57 -6.51 -16.87
C GLY A 116 -8.85 -6.81 -18.32
N MET A 117 -8.15 -7.77 -18.92
CA MET A 117 -8.35 -8.13 -20.33
C MET A 117 -8.21 -9.63 -20.61
N GLY A 118 -9.00 -10.45 -19.92
CA GLY A 118 -8.95 -11.89 -20.14
C GLY A 118 -7.97 -12.67 -19.28
N LYS A 119 -7.70 -13.90 -19.69
CA LYS A 119 -6.81 -14.83 -18.98
C LYS A 119 -5.36 -14.37 -18.79
N ARG A 120 -4.82 -13.69 -19.80
CA ARG A 120 -3.44 -13.20 -19.79
C ARG A 120 -3.33 -11.82 -19.11
N SER A 121 -2.40 -11.73 -18.15
CA SER A 121 -2.16 -10.50 -17.42
C SER A 121 -1.23 -9.54 -18.14
N ILE A 122 -1.29 -8.25 -17.76
CA ILE A 122 -0.41 -7.23 -18.33
C ILE A 122 1.01 -7.61 -17.94
N GLU A 123 1.19 -8.00 -16.67
CA GLU A 123 2.49 -8.41 -16.17
C GLU A 123 3.11 -9.50 -17.01
N ASP A 124 2.26 -10.41 -17.48
CA ASP A 124 2.74 -11.51 -18.31
C ASP A 124 3.22 -11.01 -19.66
N ARG A 125 2.46 -10.11 -20.29
CA ARG A 125 2.85 -9.54 -21.58
C ARG A 125 4.17 -8.76 -21.44
N VAL A 126 4.34 -8.08 -20.29
CA VAL A 126 5.56 -7.32 -20.02
C VAL A 126 6.75 -8.25 -19.74
N GLN A 127 6.48 -9.40 -19.13
CA GLN A 127 7.55 -10.36 -18.85
C GLN A 127 8.05 -11.02 -20.13
N GLU A 128 7.15 -11.23 -21.10
CA GLU A 128 7.56 -11.82 -22.37
C GLU A 128 8.48 -10.84 -23.11
N GLU A 129 8.10 -9.57 -23.12
CA GLU A 129 8.88 -8.53 -23.77
C GLU A 129 10.27 -8.36 -23.17
N ALA A 130 10.37 -8.50 -21.85
CA ALA A 130 11.63 -8.40 -21.12
C ALA A 130 12.58 -9.50 -21.53
N ARG A 131 12.02 -10.70 -21.72
CA ARG A 131 12.80 -11.85 -22.14
C ARG A 131 13.34 -11.58 -23.55
N CYS A 132 12.48 -11.03 -24.40
CA CYS A 132 12.83 -10.69 -25.79
C CYS A 132 13.82 -9.54 -25.85
N LEU A 133 13.67 -8.56 -24.95
CA LEU A 133 14.57 -7.41 -24.88
C LEU A 133 15.99 -7.97 -24.65
N VAL A 134 16.09 -8.93 -23.73
CA VAL A 134 17.35 -9.58 -23.38
C VAL A 134 17.91 -10.37 -24.57
N GLU A 135 17.03 -11.03 -25.33
CA GLU A 135 17.38 -11.80 -26.52
C GLU A 135 18.12 -10.89 -27.49
N GLU A 136 17.54 -9.71 -27.71
CA GLU A 136 18.10 -8.70 -28.61
C GLU A 136 19.41 -8.09 -28.19
N LEU A 137 19.55 -7.85 -26.89
CA LEU A 137 20.77 -7.29 -26.35
C LEU A 137 21.91 -8.29 -26.43
N ARG A 138 21.55 -9.57 -26.45
CA ARG A 138 22.50 -10.67 -26.57
C ARG A 138 23.03 -10.67 -28.00
N LYS A 139 22.15 -10.38 -28.95
CA LYS A 139 22.48 -10.31 -30.38
C LYS A 139 23.49 -9.21 -30.71
N THR A 140 23.70 -8.27 -29.79
CA THR A 140 24.67 -7.18 -30.02
C THR A 140 26.09 -7.66 -29.79
N LYS A 141 26.20 -8.92 -29.36
CA LYS A 141 27.48 -9.62 -29.12
C LYS A 141 28.49 -8.84 -28.29
N ALA A 142 28.00 -8.07 -27.31
CA ALA A 142 28.83 -7.27 -26.40
C ALA A 142 29.72 -6.19 -27.05
N SER A 143 29.28 -5.70 -28.21
CA SER A 143 30.04 -4.67 -28.93
C SER A 143 29.41 -3.30 -28.68
N PRO A 144 30.17 -2.18 -28.89
CA PRO A 144 29.63 -0.83 -28.68
C PRO A 144 28.23 -0.70 -29.30
N CYS A 145 27.30 -0.16 -28.54
CA CYS A 145 25.92 -0.03 -29.00
C CYS A 145 25.25 1.24 -28.57
N ASP A 146 24.39 1.75 -29.45
CA ASP A 146 23.57 2.91 -29.15
C ASP A 146 22.23 2.21 -28.87
N PRO A 147 21.83 2.15 -27.58
CA PRO A 147 20.59 1.50 -27.14
C PRO A 147 19.27 2.14 -27.54
N THR A 148 19.30 3.36 -28.08
CA THR A 148 18.09 4.08 -28.49
C THR A 148 17.04 3.23 -29.20
N PHE A 149 17.47 2.46 -30.19
CA PHE A 149 16.54 1.63 -30.95
C PHE A 149 15.94 0.45 -30.20
N ILE A 150 16.81 -0.44 -29.72
CA ILE A 150 16.37 -1.63 -28.98
C ILE A 150 15.42 -1.26 -27.84
N LEU A 151 15.86 -0.29 -27.03
CA LEU A 151 15.09 0.19 -25.90
C LEU A 151 13.75 0.78 -26.26
N GLY A 152 13.64 1.36 -27.46
CA GLY A 152 12.39 1.94 -27.92
C GLY A 152 11.40 0.91 -28.41
N CYS A 153 11.91 -0.21 -28.91
CA CYS A 153 11.11 -1.31 -29.42
C CYS A 153 10.28 -2.01 -28.34
N ALA A 154 10.92 -2.27 -27.20
CA ALA A 154 10.28 -2.94 -26.07
C ALA A 154 8.95 -2.29 -25.61
N PRO A 155 8.95 -0.96 -25.30
CA PRO A 155 7.73 -0.26 -24.87
C PRO A 155 6.65 -0.24 -25.94
N CYS A 156 7.06 -0.02 -27.18
CA CYS A 156 6.14 0.02 -28.30
C CYS A 156 5.45 -1.33 -28.47
N ASN A 157 6.23 -2.39 -28.30
CA ASN A 157 5.74 -3.75 -28.41
C ASN A 157 4.79 -4.16 -27.29
N VAL A 158 5.01 -3.61 -26.09
CA VAL A 158 4.12 -3.88 -24.95
C VAL A 158 2.74 -3.34 -25.30
N ILE A 159 2.69 -2.10 -25.79
CA ILE A 159 1.43 -1.49 -26.19
C ILE A 159 0.79 -2.31 -27.33
N CYS A 160 1.61 -2.80 -28.27
CA CYS A 160 1.12 -3.64 -29.38
C CYS A 160 0.43 -4.88 -28.83
N SER A 161 1.07 -5.46 -27.81
CA SER A 161 0.57 -6.66 -27.14
C SER A 161 -0.76 -6.38 -26.43
N ILE A 162 -0.89 -5.20 -25.82
CA ILE A 162 -2.10 -4.80 -25.12
C ILE A 162 -3.28 -4.50 -26.05
N ILE A 163 -2.97 -4.02 -27.25
CA ILE A 163 -4.00 -3.64 -28.20
C ILE A 163 -4.33 -4.68 -29.27
N PHE A 164 -3.35 -5.48 -29.66
CA PHE A 164 -3.56 -6.49 -30.70
C PHE A 164 -3.50 -7.91 -30.20
N HIS A 165 -3.07 -8.08 -28.95
CA HIS A 165 -2.87 -9.37 -28.28
C HIS A 165 -1.56 -10.01 -28.78
N LYS A 166 -0.96 -9.41 -29.79
CA LYS A 166 0.24 -9.99 -30.32
C LYS A 166 1.36 -9.02 -30.44
N ARG A 167 2.47 -9.33 -29.77
CA ARG A 167 3.68 -8.52 -29.86
C ARG A 167 4.26 -8.86 -31.23
N PHE A 168 5.18 -8.05 -31.74
CA PHE A 168 5.76 -8.36 -33.02
C PHE A 168 7.20 -8.70 -32.83
N ASP A 169 7.79 -9.38 -33.82
CA ASP A 169 9.21 -9.68 -33.77
C ASP A 169 9.77 -8.30 -34.11
N TYR A 170 10.89 -7.95 -33.50
CA TYR A 170 11.51 -6.65 -33.75
C TYR A 170 11.89 -6.34 -35.17
N LYS A 171 11.57 -7.26 -36.09
CA LYS A 171 11.89 -7.09 -37.48
C LYS A 171 10.72 -7.01 -38.41
N ASP A 172 9.54 -7.40 -37.93
CA ASP A 172 8.31 -7.36 -38.70
C ASP A 172 8.13 -5.95 -39.26
N GLN A 173 7.91 -5.85 -40.56
CA GLN A 173 7.76 -4.55 -41.23
C GLN A 173 6.64 -3.70 -40.69
N GLN A 174 5.51 -4.32 -40.32
CA GLN A 174 4.35 -3.61 -39.74
C GLN A 174 4.83 -2.78 -38.57
N PHE A 175 5.64 -3.43 -37.75
CA PHE A 175 6.23 -2.90 -36.54
C PHE A 175 7.16 -1.72 -36.79
N LEU A 176 8.11 -1.91 -37.71
CA LEU A 176 9.08 -0.87 -38.04
C LEU A 176 8.41 0.37 -38.61
N ASN A 177 7.32 0.19 -39.35
CA ASN A 177 6.58 1.31 -39.92
C ASN A 177 5.93 2.10 -38.81
N LEU A 178 5.36 1.38 -37.85
CA LEU A 178 4.71 1.96 -36.69
C LEU A 178 5.72 2.72 -35.82
N MET A 179 6.89 2.11 -35.66
CA MET A 179 8.00 2.66 -34.88
C MET A 179 8.50 3.97 -35.50
N GLU A 180 8.68 3.93 -36.82
CA GLU A 180 9.16 5.03 -37.64
C GLU A 180 8.29 6.29 -37.51
N LYS A 181 6.98 6.11 -37.57
CA LYS A 181 6.00 7.19 -37.46
C LYS A 181 6.03 7.80 -36.06
N LEU A 182 6.10 6.94 -35.04
CA LEU A 182 6.17 7.39 -33.66
C LEU A 182 7.44 8.18 -33.42
N ASN A 183 8.54 7.69 -33.98
CA ASN A 183 9.86 8.34 -33.86
C ASN A 183 9.96 9.63 -34.66
N GLU A 184 9.29 9.65 -35.82
CA GLU A 184 9.29 10.81 -36.69
C GLU A 184 8.60 11.97 -35.97
N ASN A 185 7.43 11.66 -35.38
CA ASN A 185 6.64 12.63 -34.64
C ASN A 185 7.39 13.23 -33.47
N ILE A 186 8.23 12.42 -32.82
CA ILE A 186 9.02 12.88 -31.69
C ILE A 186 10.10 13.85 -32.15
N GLU A 187 10.81 13.47 -33.21
CA GLU A 187 11.87 14.30 -33.78
C GLU A 187 11.32 15.68 -34.14
N ILE A 188 10.09 15.70 -34.69
CA ILE A 188 9.44 16.94 -35.07
C ILE A 188 9.08 17.79 -33.86
N LEU A 189 8.38 17.18 -32.91
CA LEU A 189 7.95 17.88 -31.71
C LEU A 189 9.09 18.29 -30.80
N SER A 190 10.27 17.73 -31.04
CA SER A 190 11.44 18.04 -30.22
C SER A 190 12.38 19.09 -30.83
N SER A 191 11.97 19.70 -31.97
CA SER A 191 12.76 20.74 -32.61
C SER A 191 12.33 22.04 -31.90
N PRO A 192 13.25 22.79 -31.29
CA PRO A 192 12.99 24.03 -30.64
C PRO A 192 12.09 25.03 -31.16
N TRP A 193 12.25 25.21 -32.44
CA TRP A 193 11.53 26.18 -33.17
C TRP A 193 10.05 25.93 -33.24
N ILE A 194 9.63 24.74 -32.83
CA ILE A 194 8.20 24.42 -32.78
C ILE A 194 7.54 25.52 -31.93
N GLN A 195 8.21 25.89 -30.84
CA GLN A 195 7.77 26.92 -29.91
C GLN A 195 7.32 28.22 -30.54
N VAL A 196 7.97 28.58 -31.66
CA VAL A 196 7.63 29.78 -32.39
C VAL A 196 6.13 29.74 -32.78
N TYR A 197 5.63 28.55 -33.11
CA TYR A 197 4.23 28.37 -33.47
C TYR A 197 3.29 28.60 -32.30
N ASN A 198 3.73 28.22 -31.10
CA ASN A 198 2.91 28.40 -29.89
C ASN A 198 2.80 29.86 -29.49
N ASN A 199 3.81 30.65 -29.85
CA ASN A 199 3.78 32.07 -29.55
C ASN A 199 3.06 32.82 -30.66
N PHE A 200 3.19 32.33 -31.89
CA PHE A 200 2.58 32.98 -33.05
C PHE A 200 1.79 31.99 -33.92
N PRO A 201 0.53 31.69 -33.54
CA PRO A 201 -0.35 30.76 -34.26
C PRO A 201 -0.56 31.04 -35.75
N ALA A 202 -0.43 32.30 -36.16
CA ALA A 202 -0.62 32.68 -37.57
C ALA A 202 0.45 32.05 -38.46
N LEU A 203 1.61 31.76 -37.87
CA LEU A 203 2.72 31.11 -38.57
C LEU A 203 2.38 29.69 -38.98
N LEU A 204 1.30 29.17 -38.41
CA LEU A 204 0.83 27.83 -38.73
C LEU A 204 0.30 27.81 -40.16
N ASP A 205 -0.41 28.88 -40.52
CA ASP A 205 -0.98 29.02 -41.85
C ASP A 205 0.08 29.25 -42.92
N TYR A 206 1.19 29.90 -42.53
CA TYR A 206 2.28 30.21 -43.45
C TYR A 206 3.26 29.09 -43.69
N PHE A 207 3.58 28.35 -42.63
CA PHE A 207 4.49 27.22 -42.72
C PHE A 207 3.74 26.02 -42.16
N PRO A 208 2.83 25.44 -42.96
CA PRO A 208 2.06 24.30 -42.50
C PRO A 208 2.75 22.95 -42.60
N GLY A 209 3.97 22.93 -43.17
CA GLY A 209 4.75 21.70 -43.31
C GLY A 209 4.73 20.90 -42.02
N THR A 210 4.97 21.61 -40.91
CA THR A 210 4.91 21.00 -39.59
C THR A 210 3.45 21.09 -39.21
N HIS A 211 2.88 19.94 -38.90
CA HIS A 211 1.47 19.74 -38.52
C HIS A 211 0.77 19.01 -39.64
N ASN A 212 1.15 19.28 -40.88
CA ASN A 212 0.59 18.56 -42.02
C ASN A 212 1.25 17.19 -41.97
N LYS A 213 2.52 17.20 -41.58
CA LYS A 213 3.32 16.00 -41.44
C LYS A 213 2.88 15.15 -40.23
N LEU A 214 2.56 15.82 -39.13
CA LEU A 214 2.13 15.13 -37.93
C LEU A 214 0.77 14.50 -38.15
N LEU A 215 -0.11 15.24 -38.85
CA LEU A 215 -1.45 14.77 -39.18
C LEU A 215 -1.40 13.56 -40.10
N LYS A 216 -0.46 13.61 -41.03
CA LYS A 216 -0.24 12.53 -42.00
C LYS A 216 0.19 11.27 -41.26
N ASN A 217 1.18 11.42 -40.37
CA ASN A 217 1.71 10.32 -39.57
C ASN A 217 0.67 9.68 -38.68
N VAL A 218 -0.20 10.51 -38.12
CA VAL A 218 -1.27 10.03 -37.25
C VAL A 218 -2.29 9.26 -38.07
N ALA A 219 -2.60 9.78 -39.26
CA ALA A 219 -3.56 9.16 -40.18
C ALA A 219 -3.05 7.80 -40.63
N PHE A 220 -1.73 7.70 -40.81
CA PHE A 220 -1.11 6.45 -41.21
C PHE A 220 -1.35 5.43 -40.10
N MET A 221 -1.07 5.84 -38.87
CA MET A 221 -1.24 4.97 -37.71
C MET A 221 -2.69 4.60 -37.47
N LYS A 222 -3.61 5.56 -37.65
CA LYS A 222 -5.04 5.32 -37.48
C LYS A 222 -5.58 4.27 -38.45
N SER A 223 -5.23 4.44 -39.73
CA SER A 223 -5.65 3.53 -40.80
C SER A 223 -5.09 2.13 -40.59
N TYR A 224 -3.89 2.08 -40.00
CA TYR A 224 -3.22 0.82 -39.71
C TYR A 224 -3.92 0.10 -38.54
N ILE A 225 -4.44 0.88 -37.60
CA ILE A 225 -5.12 0.33 -36.45
C ILE A 225 -6.51 -0.10 -36.87
N LEU A 226 -7.07 0.61 -37.85
CA LEU A 226 -8.39 0.32 -38.40
C LEU A 226 -8.35 -1.05 -39.04
N GLU A 227 -7.22 -1.37 -39.65
CA GLU A 227 -6.98 -2.66 -40.27
C GLU A 227 -7.17 -3.71 -39.19
N LYS A 228 -6.54 -3.44 -38.05
CA LYS A 228 -6.57 -4.31 -36.87
C LYS A 228 -7.93 -4.47 -36.23
N VAL A 229 -8.68 -3.38 -36.11
CA VAL A 229 -10.02 -3.46 -35.51
C VAL A 229 -10.96 -4.25 -36.41
N LYS A 230 -10.71 -4.19 -37.73
CA LYS A 230 -11.52 -4.91 -38.70
C LYS A 230 -11.24 -6.39 -38.58
N GLU A 231 -9.99 -6.76 -38.31
CA GLU A 231 -9.61 -8.16 -38.12
C GLU A 231 -10.24 -8.66 -36.82
N HIS A 232 -10.33 -7.75 -35.84
CA HIS A 232 -10.92 -8.03 -34.54
C HIS A 232 -12.44 -8.10 -34.52
N GLN A 233 -13.11 -7.37 -35.41
CA GLN A 233 -14.58 -7.39 -35.49
C GLN A 233 -15.08 -8.72 -36.04
N GLU A 234 -14.20 -9.38 -36.80
CA GLU A 234 -14.46 -10.66 -37.43
C GLU A 234 -14.25 -11.76 -36.44
N SER A 235 -13.02 -11.85 -35.90
CA SER A 235 -12.55 -12.80 -34.90
C SER A 235 -12.90 -12.55 -33.46
N MET A 236 -13.98 -11.80 -33.22
CA MET A 236 -14.27 -11.45 -31.84
C MET A 236 -15.19 -12.38 -31.11
N ASP A 237 -14.65 -12.95 -30.04
CA ASP A 237 -15.42 -13.83 -29.20
C ASP A 237 -15.80 -12.95 -28.04
N MET A 238 -17.05 -12.46 -28.02
CA MET A 238 -17.53 -11.70 -26.86
C MET A 238 -17.56 -12.89 -25.92
N ASN A 239 -17.31 -12.69 -24.62
CA ASN A 239 -17.24 -13.78 -23.60
C ASN A 239 -15.76 -14.02 -23.35
N ASN A 240 -14.96 -13.92 -24.41
CA ASN A 240 -13.51 -14.13 -24.33
C ASN A 240 -12.63 -13.01 -24.86
N PRO A 241 -12.72 -11.79 -24.26
CA PRO A 241 -11.90 -10.66 -24.71
C PRO A 241 -10.42 -10.90 -24.42
N GLN A 242 -9.57 -10.52 -25.36
CA GLN A 242 -8.15 -10.77 -25.19
C GLN A 242 -7.25 -9.54 -25.23
N ASP A 243 -7.81 -8.41 -25.67
CA ASP A 243 -7.03 -7.18 -25.75
C ASP A 243 -7.89 -5.93 -25.63
N PHE A 244 -7.26 -4.77 -25.77
CA PHE A 244 -7.91 -3.48 -25.67
C PHE A 244 -9.02 -3.32 -26.71
N ILE A 245 -8.77 -3.81 -27.92
CA ILE A 245 -9.72 -3.72 -28.99
C ILE A 245 -10.97 -4.55 -28.69
N ASP A 246 -10.79 -5.81 -28.32
CA ASP A 246 -11.90 -6.71 -28.00
C ASP A 246 -12.82 -6.06 -26.97
N CYS A 247 -12.21 -5.49 -25.92
CA CYS A 247 -12.94 -4.82 -24.86
C CYS A 247 -13.68 -3.59 -25.35
N PHE A 248 -13.03 -2.83 -26.24
CA PHE A 248 -13.65 -1.62 -26.81
C PHE A 248 -14.84 -2.00 -27.66
N LEU A 249 -14.66 -2.99 -28.52
CA LEU A 249 -15.72 -3.47 -29.38
C LEU A 249 -16.93 -3.93 -28.61
N MET A 250 -16.70 -4.72 -27.56
CA MET A 250 -17.81 -5.21 -26.76
C MET A 250 -18.41 -4.17 -25.82
N LYS A 251 -17.72 -3.04 -25.65
CA LYS A 251 -18.26 -1.96 -24.82
C LYS A 251 -19.23 -1.18 -25.72
N MET A 252 -18.96 -1.22 -27.02
CA MET A 252 -19.79 -0.56 -28.02
C MET A 252 -21.12 -1.27 -28.12
N GLU A 253 -21.12 -2.59 -27.87
CA GLU A 253 -22.31 -3.42 -27.91
C GLU A 253 -23.17 -3.20 -26.67
N LYS A 254 -22.53 -2.88 -25.54
CA LYS A 254 -23.24 -2.59 -24.29
C LYS A 254 -23.94 -1.24 -24.46
N GLU A 255 -23.38 -0.43 -25.37
CA GLU A 255 -23.88 0.91 -25.66
C GLU A 255 -24.71 1.04 -26.92
N LYS A 256 -25.01 -0.08 -27.59
CA LYS A 256 -25.82 -0.07 -28.82
C LYS A 256 -27.19 0.60 -28.67
N HIS A 257 -27.74 0.56 -27.45
CA HIS A 257 -29.11 1.10 -27.20
C HIS A 257 -29.29 2.50 -26.58
N ASN A 258 -28.20 3.00 -26.04
CA ASN A 258 -28.04 4.27 -25.60
C ASN A 258 -27.14 4.20 -26.86
N GLN A 259 -27.23 5.55 -26.95
CA GLN A 259 -26.48 5.89 -28.23
C GLN A 259 -26.96 7.21 -28.62
N PRO A 260 -26.68 8.25 -29.45
CA PRO A 260 -25.31 8.97 -29.66
C PRO A 260 -24.39 8.33 -28.60
N SER A 261 -23.12 8.16 -28.71
CA SER A 261 -22.34 7.38 -27.63
C SER A 261 -20.84 7.83 -27.75
N GLU A 262 -19.97 7.74 -26.72
CA GLU A 262 -18.58 8.17 -26.83
C GLU A 262 -17.68 7.12 -27.46
N PHE A 263 -18.16 5.89 -27.45
CA PHE A 263 -17.41 4.77 -28.00
C PHE A 263 -17.78 4.47 -29.43
N THR A 264 -16.84 4.74 -30.32
CA THR A 264 -17.03 4.51 -31.74
C THR A 264 -15.72 3.97 -32.29
N ILE A 265 -15.72 3.52 -33.54
CA ILE A 265 -14.50 3.02 -34.17
C ILE A 265 -13.54 4.17 -34.30
N GLU A 266 -14.09 5.37 -34.52
CA GLU A 266 -13.28 6.57 -34.64
C GLU A 266 -12.53 6.83 -33.35
N SER A 267 -13.25 6.88 -32.23
CA SER A 267 -12.65 7.13 -30.91
C SER A 267 -11.73 5.99 -30.48
N LEU A 268 -11.96 4.80 -31.03
CA LEU A 268 -11.10 3.65 -30.73
C LEU A 268 -9.75 3.89 -31.38
N GLU A 269 -9.79 4.35 -32.62
CA GLU A 269 -8.57 4.62 -33.37
C GLU A 269 -7.76 5.73 -32.69
N ASN A 270 -8.47 6.75 -32.21
CA ASN A 270 -7.87 7.88 -31.53
C ASN A 270 -7.28 7.50 -30.19
N THR A 271 -7.99 6.64 -29.45
CA THR A 271 -7.51 6.17 -28.15
C THR A 271 -6.32 5.25 -28.31
N ALA A 272 -6.33 4.48 -29.39
CA ALA A 272 -5.24 3.55 -29.67
C ALA A 272 -3.93 4.27 -29.97
N VAL A 273 -3.98 5.30 -30.83
CA VAL A 273 -2.77 6.07 -31.16
C VAL A 273 -2.25 6.86 -29.96
N ASP A 274 -3.16 7.38 -29.13
CA ASP A 274 -2.81 8.12 -27.93
C ASP A 274 -1.93 7.25 -27.03
N LEU A 275 -2.31 5.98 -26.90
CA LEU A 275 -1.59 5.01 -26.10
C LEU A 275 -0.21 4.70 -26.66
N PHE A 276 -0.13 4.58 -27.99
CA PHE A 276 1.16 4.34 -28.64
C PHE A 276 2.06 5.56 -28.46
N GLY A 277 1.46 6.75 -28.55
CA GLY A 277 2.22 7.98 -28.40
C GLY A 277 2.66 8.26 -26.99
N ALA A 278 1.71 8.17 -26.07
CA ALA A 278 1.95 8.41 -24.65
C ALA A 278 2.71 7.27 -23.96
N GLY A 279 2.55 6.07 -24.50
CA GLY A 279 3.20 4.91 -23.95
C GLY A 279 4.55 4.46 -24.41
N THR A 280 5.01 5.07 -25.48
CA THR A 280 6.28 4.69 -26.07
C THR A 280 7.45 5.57 -25.68
N GLU A 281 7.51 6.75 -26.28
CA GLU A 281 8.58 7.70 -26.08
C GLU A 281 9.14 7.89 -24.67
N THR A 282 8.26 8.31 -23.76
CA THR A 282 8.64 8.57 -22.39
C THR A 282 9.24 7.36 -21.66
N THR A 283 8.63 6.18 -21.84
CA THR A 283 9.12 4.96 -21.21
C THR A 283 10.49 4.64 -21.80
N SER A 284 10.56 4.76 -23.12
CA SER A 284 11.79 4.49 -23.87
C SER A 284 12.92 5.39 -23.41
N THR A 285 12.66 6.70 -23.35
CA THR A 285 13.65 7.68 -22.94
C THR A 285 14.12 7.44 -21.50
N THR A 286 13.18 7.02 -20.64
CA THR A 286 13.47 6.74 -19.23
C THR A 286 14.45 5.58 -19.13
N LEU A 287 14.18 4.51 -19.88
CA LEU A 287 15.05 3.33 -19.92
C LEU A 287 16.46 3.70 -20.38
N ARG A 288 16.54 4.48 -21.46
CA ARG A 288 17.83 4.90 -22.01
C ARG A 288 18.57 5.75 -20.99
N TYR A 289 17.82 6.62 -20.32
CA TYR A 289 18.39 7.48 -19.30
C TYR A 289 18.83 6.71 -18.07
N ALA A 290 18.15 5.60 -17.79
CA ALA A 290 18.49 4.76 -16.65
C ALA A 290 19.84 4.07 -16.86
N LEU A 291 20.05 3.52 -18.05
CA LEU A 291 21.31 2.84 -18.39
C LEU A 291 22.50 3.78 -18.35
N LEU A 292 22.29 5.03 -18.79
CA LEU A 292 23.33 6.05 -18.78
C LEU A 292 23.75 6.30 -17.33
N LEU A 293 22.75 6.52 -16.47
CA LEU A 293 22.98 6.77 -15.06
C LEU A 293 23.67 5.58 -14.36
N LEU A 294 23.28 4.38 -14.76
CA LEU A 294 23.87 3.16 -14.21
C LEU A 294 25.33 2.99 -14.67
N LEU A 295 25.63 3.53 -15.85
CA LEU A 295 26.99 3.51 -16.41
C LEU A 295 27.87 4.49 -15.64
N LYS A 296 27.26 5.63 -15.32
CA LYS A 296 27.89 6.73 -14.60
C LYS A 296 28.20 6.38 -13.13
N HIS A 297 27.33 5.60 -12.52
CA HIS A 297 27.47 5.21 -11.12
C HIS A 297 27.56 3.70 -10.96
N PRO A 298 28.74 3.09 -11.23
CA PRO A 298 28.88 1.64 -11.09
C PRO A 298 28.74 1.14 -9.66
N GLU A 299 28.88 2.06 -8.70
CA GLU A 299 28.76 1.74 -7.29
C GLU A 299 27.36 1.25 -7.06
N VAL A 300 26.42 1.98 -7.53
CA VAL A 300 24.96 1.87 -7.55
C VAL A 300 24.50 0.65 -8.29
N THR A 301 25.06 0.45 -9.49
CA THR A 301 24.73 -0.71 -10.31
C THR A 301 25.13 -2.02 -9.65
N ALA A 302 26.21 -1.98 -8.88
CA ALA A 302 26.70 -3.16 -8.18
C ALA A 302 25.77 -3.55 -7.05
N LYS A 303 25.21 -2.55 -6.38
CA LYS A 303 24.28 -2.81 -5.29
C LYS A 303 22.96 -3.36 -5.84
N VAL A 304 22.52 -2.83 -6.98
CA VAL A 304 21.29 -3.29 -7.63
C VAL A 304 21.44 -4.76 -8.02
N GLN A 305 22.63 -5.12 -8.48
CA GLN A 305 22.91 -6.50 -8.88
C GLN A 305 23.00 -7.45 -7.70
N GLU A 306 23.40 -6.92 -6.54
CA GLU A 306 23.49 -7.72 -5.34
C GLU A 306 22.05 -8.19 -5.04
N GLU A 307 21.10 -7.23 -5.05
CA GLU A 307 19.68 -7.51 -4.78
C GLU A 307 19.09 -8.49 -5.75
N ILE A 308 19.46 -8.34 -7.02
CA ILE A 308 18.93 -9.23 -8.05
C ILE A 308 19.39 -10.65 -7.76
N GLU A 309 20.68 -10.82 -7.54
CA GLU A 309 21.29 -12.11 -7.25
C GLU A 309 20.73 -12.82 -6.01
N ARG A 310 20.41 -12.04 -4.98
CA ARG A 310 19.89 -12.59 -3.75
C ARG A 310 18.39 -12.84 -3.71
N VAL A 311 17.61 -11.94 -4.31
CA VAL A 311 16.15 -12.07 -4.30
C VAL A 311 15.64 -12.92 -5.45
N ILE A 312 16.12 -12.63 -6.65
CA ILE A 312 15.73 -13.35 -7.84
C ILE A 312 16.94 -14.23 -8.10
N GLY A 313 16.75 -15.38 -8.75
CA GLY A 313 17.91 -16.20 -9.06
C GLY A 313 18.58 -15.58 -10.27
N ARG A 314 19.29 -16.39 -11.03
CA ARG A 314 19.88 -15.94 -12.27
C ARG A 314 19.15 -16.83 -13.26
N ASN A 315 18.37 -17.73 -12.68
CA ASN A 315 17.53 -18.70 -13.36
C ASN A 315 16.22 -18.05 -13.81
N ARG A 316 15.27 -17.90 -12.89
CA ARG A 316 13.98 -17.30 -13.19
C ARG A 316 14.05 -15.83 -13.56
N SER A 317 12.99 -15.36 -14.21
CA SER A 317 12.90 -13.99 -14.63
C SER A 317 12.22 -13.17 -13.52
N PRO A 318 12.51 -11.85 -13.46
CA PRO A 318 11.92 -10.96 -12.44
C PRO A 318 10.40 -10.87 -12.57
N CYS A 319 9.75 -10.54 -11.46
CA CYS A 319 8.30 -10.37 -11.43
C CYS A 319 8.05 -9.22 -10.46
N MET A 320 6.85 -8.62 -10.51
CA MET A 320 6.53 -7.49 -9.64
C MET A 320 6.55 -7.77 -8.13
N GLN A 321 6.35 -9.03 -7.77
CA GLN A 321 6.37 -9.44 -6.36
C GLN A 321 7.72 -9.14 -5.73
N ASP A 322 8.78 -9.25 -6.54
CA ASP A 322 10.16 -9.02 -6.10
C ASP A 322 10.52 -7.61 -5.69
N ARG A 323 9.81 -6.61 -6.22
CA ARG A 323 10.10 -5.22 -5.91
C ARG A 323 10.07 -4.86 -4.44
N SER A 324 9.11 -5.44 -3.71
CA SER A 324 8.96 -5.19 -2.28
C SER A 324 10.20 -5.62 -1.49
N HIS A 325 10.86 -6.68 -1.94
CA HIS A 325 12.08 -7.21 -1.31
C HIS A 325 13.30 -6.58 -1.93
N MET A 326 13.08 -5.65 -2.86
CA MET A 326 14.19 -4.98 -3.53
C MET A 326 14.09 -3.45 -3.41
N PRO A 327 14.23 -2.92 -2.16
CA PRO A 327 14.13 -1.49 -1.87
C PRO A 327 15.17 -0.59 -2.53
N TYR A 328 16.40 -1.11 -2.69
CA TYR A 328 17.47 -0.35 -3.32
C TYR A 328 17.19 -0.13 -4.80
N THR A 329 16.85 -1.22 -5.50
CA THR A 329 16.52 -1.20 -6.92
C THR A 329 15.34 -0.26 -7.12
N ASP A 330 14.32 -0.43 -6.27
CA ASP A 330 13.11 0.39 -6.29
C ASP A 330 13.50 1.86 -6.14
N ALA A 331 14.47 2.13 -5.26
CA ALA A 331 14.95 3.48 -5.02
C ALA A 331 15.69 4.02 -6.24
N VAL A 332 16.51 3.18 -6.87
CA VAL A 332 17.25 3.56 -8.05
C VAL A 332 16.29 3.98 -9.17
N VAL A 333 15.25 3.18 -9.38
CA VAL A 333 14.26 3.47 -10.42
C VAL A 333 13.53 4.78 -10.12
N HIS A 334 13.12 4.98 -8.87
CA HIS A 334 12.43 6.19 -8.46
C HIS A 334 13.32 7.42 -8.65
N GLU A 335 14.59 7.24 -8.31
CA GLU A 335 15.59 8.28 -8.44
C GLU A 335 15.89 8.65 -9.88
N VAL A 336 15.82 7.65 -10.76
CA VAL A 336 16.05 7.88 -12.18
C VAL A 336 14.98 8.84 -12.69
N GLN A 337 13.71 8.50 -12.44
CA GLN A 337 12.56 9.32 -12.86
C GLN A 337 12.54 10.70 -12.23
N ARG A 338 12.87 10.77 -10.94
CA ARG A 338 12.89 12.04 -10.21
C ARG A 338 13.98 12.98 -10.74
N TYR A 339 15.16 12.42 -10.96
CA TYR A 339 16.30 13.17 -11.45
C TYR A 339 16.12 13.70 -12.88
N ILE A 340 15.69 12.83 -13.80
CA ILE A 340 15.55 13.19 -15.21
C ILE A 340 14.47 14.20 -15.56
N ASP A 341 13.42 14.26 -14.74
CA ASP A 341 12.34 15.23 -14.92
C ASP A 341 11.91 15.33 -16.41
N LEU A 342 11.52 14.18 -16.98
CA LEU A 342 11.14 14.06 -18.38
C LEU A 342 10.12 15.03 -18.92
N LEU A 343 9.07 15.26 -18.13
CA LEU A 343 8.00 16.17 -18.50
C LEU A 343 7.97 17.24 -17.43
N PRO A 344 8.94 18.21 -17.49
CA PRO A 344 9.05 19.29 -16.51
C PRO A 344 7.81 20.11 -16.24
N THR A 345 6.92 20.19 -17.23
CA THR A 345 5.67 20.92 -17.08
C THR A 345 4.49 20.04 -17.39
N SER A 346 4.65 18.72 -17.20
CA SER A 346 3.59 17.74 -17.46
C SER A 346 3.01 18.00 -18.86
N LEU A 347 1.70 17.86 -18.97
CA LEU A 347 0.98 18.16 -20.18
C LEU A 347 0.07 19.28 -19.71
N PRO A 348 -0.20 20.29 -20.56
CA PRO A 348 -1.06 21.42 -20.19
C PRO A 348 -2.42 21.07 -19.66
N HIS A 349 -2.81 21.78 -18.61
CA HIS A 349 -4.10 21.61 -17.99
C HIS A 349 -4.94 22.84 -18.33
N ALA A 350 -6.21 22.82 -17.96
CA ALA A 350 -7.10 23.94 -18.19
C ALA A 350 -8.18 23.85 -17.14
N VAL A 351 -8.60 24.99 -16.62
CA VAL A 351 -9.66 24.99 -15.61
C VAL A 351 -11.02 24.72 -16.24
N THR A 352 -11.77 23.80 -15.63
CA THR A 352 -13.10 23.39 -16.08
C THR A 352 -14.20 24.43 -15.88
N CYS A 353 -13.97 25.41 -15.02
CA CYS A 353 -14.96 26.45 -14.74
C CYS A 353 -14.31 27.65 -14.09
N ASP A 354 -15.04 28.78 -14.02
CA ASP A 354 -14.53 29.99 -13.36
C ASP A 354 -14.20 29.63 -11.92
N ILE A 355 -12.93 29.70 -11.59
CA ILE A 355 -12.50 29.34 -10.25
C ILE A 355 -11.80 30.46 -9.51
N LYS A 356 -11.85 30.39 -8.18
CA LYS A 356 -11.14 31.32 -7.34
C LYS A 356 -10.07 30.44 -6.71
N PHE A 357 -8.82 30.83 -6.90
CA PHE A 357 -7.71 30.05 -6.38
C PHE A 357 -6.69 30.95 -5.72
N ARG A 358 -6.49 30.74 -4.41
CA ARG A 358 -5.54 31.51 -3.60
C ARG A 358 -5.74 33.02 -3.77
N ASN A 359 -7.01 33.46 -3.79
CA ASN A 359 -7.39 34.87 -3.96
C ASN A 359 -7.21 35.40 -5.38
N TYR A 360 -7.01 34.51 -6.35
CA TYR A 360 -6.73 34.99 -7.69
C TYR A 360 -7.71 35.21 -8.80
N LEU A 361 -8.69 34.30 -8.97
CA LEU A 361 -9.68 34.44 -10.04
C LEU A 361 -9.11 34.05 -11.41
N ILE A 362 -9.42 32.81 -11.80
CA ILE A 362 -8.97 32.24 -13.06
C ILE A 362 -10.21 31.87 -13.87
N PRO A 363 -10.41 32.52 -15.05
CA PRO A 363 -11.55 32.28 -15.93
C PRO A 363 -11.62 30.87 -16.48
N LYS A 364 -12.83 30.39 -16.73
CA LYS A 364 -13.06 29.07 -17.30
C LYS A 364 -12.31 28.93 -18.62
N GLY A 365 -11.61 27.81 -18.76
CA GLY A 365 -10.86 27.53 -19.98
C GLY A 365 -9.42 27.98 -19.99
N THR A 366 -8.98 28.72 -18.97
CA THR A 366 -7.60 29.21 -18.90
C THR A 366 -6.59 28.06 -18.81
N THR A 367 -5.57 28.12 -19.67
CA THR A 367 -4.53 27.10 -19.70
C THR A 367 -3.67 27.16 -18.44
N ILE A 368 -3.44 26.00 -17.85
CA ILE A 368 -2.66 25.86 -16.63
C ILE A 368 -1.42 25.02 -16.85
N LEU A 369 -0.26 25.56 -16.45
CA LEU A 369 0.99 24.83 -16.56
C LEU A 369 1.43 24.37 -15.17
N ILE A 370 1.57 23.06 -15.00
CA ILE A 370 1.99 22.46 -13.74
C ILE A 370 3.48 22.22 -13.75
N SER A 371 4.18 22.82 -12.79
CA SER A 371 5.62 22.65 -12.70
C SER A 371 5.97 21.39 -11.93
N LEU A 372 6.14 20.28 -12.64
CA LEU A 372 6.52 19.02 -12.01
C LEU A 372 7.95 19.11 -11.48
N THR A 373 8.81 19.84 -12.21
CA THR A 373 10.21 20.06 -11.82
C THR A 373 10.32 20.53 -10.39
N SER A 374 9.51 21.52 -10.05
CA SER A 374 9.50 22.11 -8.71
C SER A 374 9.10 21.19 -7.58
N VAL A 375 8.39 20.11 -7.90
CA VAL A 375 7.99 19.14 -6.88
C VAL A 375 9.08 18.09 -6.84
N LEU A 376 9.45 17.60 -8.03
CA LEU A 376 10.48 16.58 -8.22
C LEU A 376 11.82 17.01 -7.69
N HIS A 377 12.10 18.30 -7.80
CA HIS A 377 13.36 18.83 -7.35
C HIS A 377 13.24 19.73 -6.14
N ASP A 378 12.23 19.45 -5.30
CA ASP A 378 12.02 20.21 -4.07
C ASP A 378 13.25 20.10 -3.17
N ASN A 379 13.72 21.25 -2.73
CA ASN A 379 14.91 21.39 -1.91
C ASN A 379 14.91 20.73 -0.54
N LYS A 380 13.79 20.79 0.16
CA LYS A 380 13.69 20.21 1.48
C LYS A 380 13.53 18.69 1.42
N GLU A 381 12.60 18.24 0.58
CA GLU A 381 12.32 16.83 0.42
C GLU A 381 13.47 16.01 -0.13
N PHE A 382 14.21 16.62 -1.06
CA PHE A 382 15.36 15.96 -1.67
C PHE A 382 16.57 16.88 -1.57
N PRO A 383 17.22 16.98 -0.37
CA PRO A 383 18.39 17.80 -0.04
C PRO A 383 19.22 18.43 -1.17
N ASN A 384 19.91 17.61 -1.98
CA ASN A 384 20.67 18.12 -3.13
C ASN A 384 19.88 17.58 -4.33
N PRO A 385 18.75 18.22 -4.67
CA PRO A 385 17.85 17.83 -5.76
C PRO A 385 18.42 17.68 -7.16
N GLU A 386 19.49 18.42 -7.45
CA GLU A 386 20.12 18.37 -8.76
C GLU A 386 21.06 17.20 -8.95
N MET A 387 21.16 16.36 -7.92
CA MET A 387 22.06 15.22 -8.01
C MET A 387 21.40 13.87 -7.93
N PHE A 388 22.00 12.91 -8.61
CA PHE A 388 21.51 11.55 -8.64
C PHE A 388 21.96 10.81 -7.40
N ASP A 389 21.00 10.51 -6.52
CA ASP A 389 21.30 9.79 -5.29
C ASP A 389 20.11 8.92 -4.86
N PRO A 390 20.25 7.59 -4.94
CA PRO A 390 19.17 6.66 -4.55
C PRO A 390 18.71 6.81 -3.09
N HIS A 391 19.55 7.38 -2.25
CA HIS A 391 19.20 7.59 -0.84
C HIS A 391 18.06 8.59 -0.63
N HIS A 392 17.66 9.25 -1.73
CA HIS A 392 16.54 10.19 -1.72
C HIS A 392 15.25 9.40 -1.47
N PHE A 393 15.32 8.09 -1.73
CA PHE A 393 14.20 7.17 -1.53
C PHE A 393 14.55 5.98 -0.64
N LEU A 394 15.39 6.23 0.36
CA LEU A 394 15.83 5.21 1.32
C LEU A 394 15.90 5.79 2.73
N ASP A 395 15.34 5.08 3.72
CA ASP A 395 15.42 5.58 5.11
C ASP A 395 16.78 5.15 5.69
N GLU A 396 17.04 5.47 6.96
CA GLU A 396 18.30 5.10 7.64
C GLU A 396 18.60 3.61 7.56
N GLY A 397 17.56 2.79 7.74
CA GLY A 397 17.69 1.35 7.55
C GLY A 397 17.55 1.29 6.04
N GLY A 398 18.22 0.42 5.30
CA GLY A 398 18.05 0.47 3.85
C GLY A 398 16.65 0.21 3.24
N ASN A 399 15.57 0.73 3.83
CA ASN A 399 14.22 0.49 3.30
C ASN A 399 13.77 1.56 2.34
N PHE A 400 12.77 1.22 1.52
CA PHE A 400 12.23 2.16 0.55
C PHE A 400 11.51 3.29 1.29
N LYS A 401 11.88 4.52 0.98
CA LYS A 401 11.25 5.67 1.60
C LYS A 401 10.46 6.41 0.51
N LYS A 402 9.14 6.25 0.55
CA LYS A 402 8.26 6.91 -0.42
C LYS A 402 8.19 8.42 -0.16
N SER A 403 7.63 9.14 -1.12
CA SER A 403 7.48 10.59 -1.01
C SER A 403 6.28 11.04 -1.79
N LYS A 404 5.58 12.04 -1.26
CA LYS A 404 4.42 12.60 -1.95
C LYS A 404 4.90 13.56 -3.04
N TYR A 405 6.19 13.85 -3.02
CA TYR A 405 6.80 14.72 -4.00
C TYR A 405 7.19 13.99 -5.27
N PHE A 406 7.08 12.66 -5.23
CA PHE A 406 7.38 11.84 -6.39
C PHE A 406 6.18 11.96 -7.33
N MET A 407 6.26 12.94 -8.24
CA MET A 407 5.20 13.21 -9.21
C MET A 407 5.58 13.15 -10.70
N PRO A 408 6.41 12.16 -11.14
CA PRO A 408 6.78 12.09 -12.56
C PRO A 408 5.62 11.76 -13.49
N PHE A 409 4.56 11.20 -12.93
CA PHE A 409 3.38 10.85 -13.71
C PHE A 409 2.30 11.87 -13.45
N SER A 410 2.69 12.95 -12.74
CA SER A 410 1.79 14.04 -12.35
C SER A 410 0.88 13.51 -11.24
N ALA A 411 -0.25 14.18 -10.99
CA ALA A 411 -1.17 13.78 -9.94
C ALA A 411 -2.58 14.28 -10.19
N GLY A 412 -3.55 13.71 -9.46
CA GLY A 412 -4.93 14.12 -9.61
C GLY A 412 -5.75 13.32 -10.61
N LYS A 413 -6.80 13.95 -11.14
CA LYS A 413 -7.72 13.34 -12.11
C LYS A 413 -7.09 12.96 -13.45
N ARG A 414 -6.06 13.70 -13.85
CA ARG A 414 -5.37 13.45 -15.11
C ARG A 414 -4.08 12.68 -14.98
N ILE A 415 -3.78 12.16 -13.79
CA ILE A 415 -2.55 11.38 -13.56
C ILE A 415 -2.37 10.31 -14.65
N CYS A 416 -1.13 10.14 -15.10
CA CYS A 416 -0.81 9.17 -16.14
C CYS A 416 -1.55 7.84 -16.06
N VAL A 417 -2.36 7.59 -17.09
CA VAL A 417 -3.14 6.37 -17.23
C VAL A 417 -2.25 5.12 -17.20
N GLY A 418 -1.02 5.28 -17.65
CA GLY A 418 -0.08 4.18 -17.68
C GLY A 418 0.92 4.16 -16.56
N GLU A 419 0.58 4.74 -15.42
CA GLU A 419 1.49 4.78 -14.26
C GLU A 419 1.92 3.37 -13.84
N ALA A 420 0.94 2.49 -13.75
CA ALA A 420 1.16 1.10 -13.38
C ALA A 420 1.97 0.40 -14.44
N LEU A 421 1.54 0.51 -15.70
CA LEU A 421 2.25 -0.12 -16.82
C LEU A 421 3.69 0.35 -16.93
N ALA A 422 3.91 1.66 -16.84
CA ALA A 422 5.25 2.22 -16.92
C ALA A 422 6.16 1.71 -15.81
N GLY A 423 5.66 1.69 -14.56
CA GLY A 423 6.43 1.20 -13.43
C GLY A 423 6.77 -0.27 -13.56
N MET A 424 5.87 -1.01 -14.23
CA MET A 424 6.06 -2.43 -14.48
C MET A 424 7.17 -2.63 -15.52
N GLU A 425 7.19 -1.80 -16.57
CA GLU A 425 8.22 -1.89 -17.60
C GLU A 425 9.60 -1.47 -17.09
N LEU A 426 9.66 -0.35 -16.37
CA LEU A 426 10.92 0.12 -15.81
C LEU A 426 11.59 -0.89 -14.90
N PHE A 427 10.80 -1.44 -13.97
CA PHE A 427 11.32 -2.43 -13.05
C PHE A 427 11.75 -3.73 -13.71
N LEU A 428 10.83 -4.37 -14.44
CA LEU A 428 11.12 -5.64 -15.09
C LEU A 428 12.17 -5.58 -16.19
N PHE A 429 12.15 -4.52 -17.01
CA PHE A 429 13.15 -4.36 -18.08
C PHE A 429 14.52 -4.13 -17.49
N LEU A 430 14.61 -3.20 -16.55
CA LEU A 430 15.88 -2.87 -15.91
C LEU A 430 16.49 -3.99 -15.08
N THR A 431 15.67 -4.71 -14.31
CA THR A 431 16.20 -5.82 -13.52
C THR A 431 16.57 -6.99 -14.44
N SER A 432 15.84 -7.13 -15.55
CA SER A 432 16.14 -8.18 -16.54
C SER A 432 17.47 -7.93 -17.22
N ILE A 433 17.74 -6.67 -17.57
CA ILE A 433 18.98 -6.27 -18.21
C ILE A 433 20.17 -6.48 -17.27
N LEU A 434 20.04 -6.01 -16.04
CA LEU A 434 21.10 -6.13 -15.05
C LEU A 434 21.31 -7.53 -14.51
N GLN A 435 20.31 -8.40 -14.72
CA GLN A 435 20.40 -9.78 -14.28
C GLN A 435 21.26 -10.57 -15.27
N ASN A 436 21.17 -10.21 -16.54
CA ASN A 436 21.89 -10.92 -17.59
C ASN A 436 23.13 -10.24 -18.14
N PHE A 437 23.25 -8.92 -17.92
CA PHE A 437 24.39 -8.17 -18.43
C PHE A 437 25.01 -7.21 -17.45
N ASN A 438 26.28 -6.92 -17.71
CA ASN A 438 27.06 -5.93 -16.96
C ASN A 438 27.22 -4.82 -17.98
N LEU A 439 27.24 -3.57 -17.52
CA LEU A 439 27.35 -2.46 -18.47
C LEU A 439 28.74 -1.89 -18.54
N LYS A 440 29.32 -1.90 -19.74
CA LYS A 440 30.66 -1.36 -19.94
C LYS A 440 30.63 -0.14 -20.83
N SER A 441 31.24 0.93 -20.35
CA SER A 441 31.33 2.18 -21.11
C SER A 441 32.64 2.19 -21.88
N LEU A 442 32.59 2.75 -23.07
CA LEU A 442 33.78 2.83 -23.92
C LEU A 442 34.68 3.96 -23.45
N VAL A 443 34.06 5.12 -23.22
CA VAL A 443 34.73 6.33 -22.82
C VAL A 443 35.18 6.49 -21.36
N ASP A 444 34.63 5.69 -20.44
CA ASP A 444 34.96 5.79 -19.02
C ASP A 444 33.98 6.81 -18.34
N PRO A 445 33.42 6.46 -17.16
CA PRO A 445 32.46 7.16 -16.30
C PRO A 445 32.70 8.60 -15.88
N LYS A 446 33.79 8.82 -15.15
CA LYS A 446 34.20 10.12 -14.65
C LYS A 446 34.24 11.20 -15.75
N ASN A 447 34.22 10.74 -17.01
CA ASN A 447 34.26 11.61 -18.16
C ASN A 447 32.92 12.04 -18.76
N LEU A 448 31.92 11.15 -18.77
CA LEU A 448 30.63 11.50 -19.36
C LEU A 448 29.62 12.26 -18.51
N ASP A 449 28.90 13.17 -19.18
CA ASP A 449 27.89 14.05 -18.58
C ASP A 449 26.47 13.47 -18.68
N THR A 450 25.74 13.54 -17.57
CA THR A 450 24.38 13.03 -17.47
C THR A 450 23.30 14.09 -17.37
N THR A 451 23.69 15.36 -17.44
CA THR A 451 22.74 16.47 -17.34
C THR A 451 21.75 16.49 -18.50
N PRO A 452 20.42 16.55 -18.19
CA PRO A 452 19.36 16.57 -19.20
C PRO A 452 19.45 17.72 -20.20
N VAL A 453 19.12 17.39 -21.45
CA VAL A 453 19.09 18.36 -22.53
C VAL A 453 17.62 18.60 -22.72
N VAL A 454 17.22 19.87 -22.72
CA VAL A 454 15.80 20.19 -22.88
C VAL A 454 15.56 20.97 -24.16
N ASN A 455 14.48 20.60 -24.85
CA ASN A 455 14.10 21.26 -26.08
C ASN A 455 12.59 21.46 -26.18
N GLY A 456 12.12 22.52 -25.53
CA GLY A 456 10.71 22.83 -25.54
C GLY A 456 10.03 22.41 -24.26
N PHE A 457 9.38 21.25 -24.29
CA PHE A 457 8.66 20.75 -23.10
C PHE A 457 8.86 19.30 -22.74
N ALA A 458 10.04 18.78 -23.09
CA ALA A 458 10.40 17.41 -22.81
C ALA A 458 11.92 17.32 -22.65
N SER A 459 12.36 16.55 -21.66
CA SER A 459 13.79 16.37 -21.39
C SER A 459 14.26 15.07 -21.98
N VAL A 460 15.52 15.04 -22.42
CA VAL A 460 16.10 13.84 -23.02
C VAL A 460 17.57 13.74 -22.60
N PRO A 461 18.18 12.54 -22.70
CA PRO A 461 19.58 12.38 -22.34
C PRO A 461 20.53 12.60 -23.51
N PRO A 462 21.83 12.84 -23.24
CA PRO A 462 22.78 13.04 -24.32
C PRO A 462 23.11 11.69 -24.96
N PHE A 463 23.72 11.74 -26.14
CA PHE A 463 24.10 10.54 -26.86
C PHE A 463 25.20 9.80 -26.09
N TYR A 464 25.17 8.47 -26.18
CA TYR A 464 26.17 7.62 -25.52
C TYR A 464 26.06 6.20 -26.07
N GLN A 465 27.09 5.42 -25.83
CA GLN A 465 27.13 4.01 -26.24
C GLN A 465 27.59 3.18 -25.05
N LEU A 466 27.36 1.87 -25.13
CA LEU A 466 27.76 0.96 -24.06
C LEU A 466 27.80 -0.47 -24.60
N CYS A 467 28.36 -1.37 -23.80
CA CYS A 467 28.41 -2.78 -24.19
C CYS A 467 27.68 -3.61 -23.13
N PHE A 468 26.82 -4.51 -23.60
CA PHE A 468 26.07 -5.39 -22.71
C PHE A 468 26.87 -6.68 -22.64
N ILE A 469 27.68 -6.79 -21.59
CA ILE A 469 28.52 -7.95 -21.38
C ILE A 469 27.81 -9.00 -20.55
N PRO A 470 27.58 -10.21 -21.12
CA PRO A 470 26.91 -11.29 -20.39
C PRO A 470 27.64 -11.60 -19.09
N VAL A 471 26.89 -11.92 -18.04
CA VAL A 471 27.49 -12.25 -16.75
C VAL A 471 27.90 -13.72 -16.72
N PRO B 11 10.61 14.58 32.49
CA PRO B 11 9.59 13.96 31.62
C PRO B 11 8.31 14.76 31.87
N PRO B 12 8.07 15.79 31.02
CA PRO B 12 6.94 16.74 31.03
C PRO B 12 5.55 16.16 30.90
N GLY B 13 4.56 16.94 31.34
CA GLY B 13 3.19 16.49 31.26
C GLY B 13 2.27 17.44 32.01
N PRO B 14 0.95 17.32 31.81
CA PRO B 14 0.00 18.20 32.51
C PRO B 14 0.13 17.97 34.00
N THR B 15 0.23 19.07 34.76
CA THR B 15 0.37 18.94 36.20
C THR B 15 -0.87 18.27 36.77
N PRO B 16 -0.68 17.18 37.56
CA PRO B 16 -1.79 16.46 38.17
C PRO B 16 -2.43 17.18 39.33
N LEU B 17 -3.69 16.88 39.57
CA LEU B 17 -4.43 17.46 40.67
C LEU B 17 -4.25 16.57 41.90
N PRO B 18 -4.35 17.14 43.13
CA PRO B 18 -4.21 16.47 44.42
C PRO B 18 -4.33 14.94 44.49
N VAL B 19 -5.50 14.40 44.18
CA VAL B 19 -5.65 12.94 44.22
C VAL B 19 -6.20 12.33 42.94
N ILE B 20 -6.92 13.14 42.17
CA ILE B 20 -7.52 12.68 40.93
C ILE B 20 -6.55 12.63 39.75
N GLY B 21 -5.28 12.98 40.00
CA GLY B 21 -4.26 12.98 38.97
C GLY B 21 -4.63 13.80 37.74
N ASN B 22 -4.51 13.17 36.57
CA ASN B 22 -4.83 13.83 35.32
C ASN B 22 -6.18 13.38 34.76
N ILE B 23 -6.97 12.67 35.58
CA ILE B 23 -8.29 12.17 35.18
C ILE B 23 -9.14 13.25 34.49
N LEU B 24 -8.90 14.50 34.88
CA LEU B 24 -9.61 15.64 34.36
C LEU B 24 -9.42 15.83 32.86
N GLN B 25 -8.16 15.78 32.43
CA GLN B 25 -7.85 15.97 31.02
C GLN B 25 -7.71 14.74 30.14
N ILE B 26 -7.86 13.54 30.71
CA ILE B 26 -7.73 12.33 29.89
C ILE B 26 -9.04 11.58 29.80
N GLY B 27 -9.82 11.68 30.86
CA GLY B 27 -11.11 11.03 30.90
C GLY B 27 -11.21 9.60 31.36
N ILE B 28 -12.17 8.91 30.74
CA ILE B 28 -12.52 7.54 31.09
C ILE B 28 -13.10 6.87 29.84
N LYS B 29 -13.44 7.71 28.87
CA LYS B 29 -14.01 7.33 27.59
C LYS B 29 -12.97 6.79 26.61
N ASP B 30 -12.48 7.68 25.77
CA ASP B 30 -11.48 7.38 24.76
C ASP B 30 -10.18 8.02 25.19
N ILE B 31 -9.44 7.35 26.06
CA ILE B 31 -8.16 7.89 26.53
C ILE B 31 -7.19 8.08 25.38
N SER B 32 -7.29 7.22 24.37
CA SER B 32 -6.44 7.26 23.17
C SER B 32 -6.44 8.61 22.49
N LYS B 33 -7.62 9.20 22.36
CA LYS B 33 -7.79 10.51 21.73
C LYS B 33 -7.09 11.60 22.55
N SER B 34 -7.18 11.48 23.87
CA SER B 34 -6.56 12.44 24.79
C SER B 34 -5.05 12.44 24.66
N LEU B 35 -4.46 11.25 24.54
CA LEU B 35 -3.02 11.07 24.40
C LEU B 35 -2.44 11.71 23.15
N THR B 36 -3.23 11.71 22.08
CA THR B 36 -2.80 12.32 20.82
C THR B 36 -2.78 13.83 21.00
N ASN B 37 -3.84 14.37 21.61
CA ASN B 37 -3.94 15.81 21.86
C ASN B 37 -2.83 16.26 22.80
N LEU B 38 -2.62 15.49 23.88
CA LEU B 38 -1.58 15.80 24.87
C LEU B 38 -0.19 15.75 24.27
N SER B 39 0.00 14.90 23.24
CA SER B 39 1.28 14.79 22.56
C SER B 39 1.61 16.05 21.79
N LYS B 40 0.57 16.74 21.35
CA LYS B 40 0.72 17.99 20.61
C LYS B 40 1.32 19.10 21.46
N VAL B 41 1.03 19.08 22.76
CA VAL B 41 1.56 20.11 23.63
C VAL B 41 2.79 19.70 24.43
N TYR B 42 2.90 18.40 24.73
CA TYR B 42 4.03 17.91 25.53
C TYR B 42 5.10 17.13 24.81
N GLY B 43 4.92 16.91 23.51
CA GLY B 43 5.92 16.16 22.76
C GLY B 43 5.63 14.67 22.68
N PRO B 44 6.57 13.87 22.15
CA PRO B 44 6.42 12.41 22.01
C PRO B 44 6.62 11.55 23.26
N VAL B 45 7.18 12.15 24.31
CA VAL B 45 7.44 11.42 25.55
C VAL B 45 6.91 12.25 26.72
N PHE B 46 5.74 11.87 27.24
CA PHE B 46 5.18 12.61 28.35
C PHE B 46 4.71 11.78 29.54
N THR B 47 4.53 12.48 30.65
CA THR B 47 4.09 11.88 31.90
C THR B 47 2.64 12.14 32.21
N LEU B 48 1.95 11.08 32.64
CA LEU B 48 0.54 11.14 33.00
C LEU B 48 0.29 10.49 34.35
N TYR B 49 -0.73 10.98 35.05
CA TYR B 49 -1.08 10.44 36.35
C TYR B 49 -2.45 9.83 36.45
N PHE B 50 -2.46 8.53 36.71
CA PHE B 50 -3.70 7.79 36.90
C PHE B 50 -3.80 7.70 38.41
N GLY B 51 -4.40 8.74 38.99
CA GLY B 51 -4.49 8.83 40.44
C GLY B 51 -3.10 9.28 40.88
N LEU B 52 -2.44 8.47 41.69
CA LEU B 52 -1.09 8.80 42.14
C LEU B 52 -0.02 8.07 41.34
N LYS B 53 -0.46 7.19 40.44
CA LYS B 53 0.44 6.39 39.60
C LYS B 53 1.02 7.17 38.42
N PRO B 54 2.37 7.23 38.31
CA PRO B 54 2.97 7.97 37.19
C PRO B 54 3.19 7.08 35.97
N ILE B 55 2.69 7.56 34.84
CA ILE B 55 2.79 6.84 33.58
C ILE B 55 3.58 7.65 32.58
N VAL B 56 4.33 6.96 31.74
CA VAL B 56 5.08 7.61 30.66
C VAL B 56 4.45 7.13 29.36
N VAL B 57 3.99 8.08 28.56
CA VAL B 57 3.39 7.77 27.26
C VAL B 57 4.41 8.02 26.15
N LEU B 58 4.50 7.07 25.22
CA LEU B 58 5.38 7.17 24.06
C LEU B 58 4.44 7.33 22.87
N HIS B 59 4.63 8.39 22.09
CA HIS B 59 3.70 8.66 21.01
C HIS B 59 4.03 8.38 19.55
N GLY B 60 4.98 9.08 18.94
CA GLY B 60 5.23 8.83 17.52
C GLY B 60 5.83 7.48 17.19
N TYR B 61 6.04 7.22 15.90
CA TYR B 61 6.67 5.98 15.48
C TYR B 61 8.12 5.98 15.97
N GLU B 62 8.78 7.14 15.84
CA GLU B 62 10.17 7.27 16.24
C GLU B 62 10.43 6.95 17.69
N ALA B 63 9.55 7.42 18.56
CA ALA B 63 9.67 7.16 19.99
C ALA B 63 9.30 5.73 20.33
N VAL B 64 8.31 5.17 19.63
CA VAL B 64 7.88 3.79 19.87
C VAL B 64 8.96 2.82 19.41
N LYS B 65 9.51 3.06 18.22
CA LYS B 65 10.56 2.20 17.69
C LYS B 65 11.83 2.32 18.50
N GLU B 66 12.16 3.55 18.92
CA GLU B 66 13.36 3.76 19.71
C GLU B 66 13.28 3.03 21.04
N ALA B 67 12.08 2.98 21.61
CA ALA B 67 11.89 2.29 22.86
C ALA B 67 11.74 0.79 22.71
N LEU B 68 10.75 0.37 21.94
CA LEU B 68 10.48 -1.05 21.72
C LEU B 68 11.54 -1.87 20.99
N ILE B 69 12.34 -1.22 20.16
CA ILE B 69 13.37 -1.93 19.41
C ILE B 69 14.80 -1.59 19.81
N ASP B 70 15.17 -0.31 19.71
CA ASP B 70 16.53 0.12 20.04
C ASP B 70 16.90 -0.16 21.49
N LEU B 71 15.92 0.03 22.39
CA LEU B 71 16.10 -0.23 23.81
C LEU B 71 15.17 -1.36 24.24
N GLY B 72 14.96 -2.30 23.33
CA GLY B 72 14.08 -3.45 23.54
C GLY B 72 14.06 -4.15 24.89
N GLU B 73 15.23 -4.50 25.40
CA GLU B 73 15.35 -5.17 26.69
C GLU B 73 14.85 -4.30 27.83
N GLU B 74 15.21 -3.02 27.79
CA GLU B 74 14.81 -2.05 28.79
C GLU B 74 13.30 -1.80 28.84
N PHE B 75 12.62 -1.97 27.71
CA PHE B 75 11.18 -1.76 27.63
C PHE B 75 10.39 -3.06 27.49
N SER B 76 10.99 -4.18 27.92
CA SER B 76 10.33 -5.47 27.81
C SER B 76 9.48 -5.87 29.00
N GLY B 77 9.47 -5.04 30.03
CA GLY B 77 8.67 -5.35 31.20
C GLY B 77 7.19 -5.13 30.94
N ARG B 78 6.35 -5.86 31.68
CA ARG B 78 4.91 -5.73 31.57
C ARG B 78 4.42 -4.88 32.74
N GLY B 79 3.71 -3.81 32.43
CA GLY B 79 3.17 -2.93 33.46
C GLY B 79 1.78 -3.41 33.84
N ILE B 80 1.41 -3.25 35.10
CA ILE B 80 0.09 -3.70 35.55
C ILE B 80 -0.65 -2.61 36.29
N PHE B 81 -1.85 -2.30 35.81
CA PHE B 81 -2.71 -1.30 36.45
C PHE B 81 -3.43 -1.96 37.63
N PRO B 82 -3.86 -1.16 38.64
CA PRO B 82 -4.55 -1.65 39.84
C PRO B 82 -5.58 -2.76 39.67
N LEU B 83 -6.55 -2.54 38.79
CA LEU B 83 -7.60 -3.54 38.56
C LEU B 83 -7.05 -4.89 38.10
N ALA B 84 -6.16 -4.86 37.12
CA ALA B 84 -5.56 -6.08 36.58
C ALA B 84 -4.76 -6.82 37.65
N GLU B 85 -4.09 -6.06 38.50
CA GLU B 85 -3.29 -6.60 39.61
C GLU B 85 -4.14 -7.44 40.57
N ARG B 86 -5.28 -6.87 40.99
CA ARG B 86 -6.22 -7.53 41.91
C ARG B 86 -7.02 -8.67 41.28
N ALA B 87 -7.30 -8.55 39.98
CA ALA B 87 -8.07 -9.56 39.27
C ALA B 87 -7.19 -10.70 38.74
N ASN B 88 -5.91 -10.68 39.11
CA ASN B 88 -4.98 -11.70 38.65
C ASN B 88 -4.23 -12.44 39.73
N ARG B 89 -4.54 -13.73 39.86
CA ARG B 89 -3.88 -14.59 40.81
C ARG B 89 -3.15 -15.67 40.01
N GLY B 90 -1.85 -15.45 39.81
CA GLY B 90 -1.06 -16.40 39.04
C GLY B 90 -0.41 -15.77 37.82
N PHE B 91 0.76 -16.29 37.46
CA PHE B 91 1.50 -15.77 36.31
C PHE B 91 1.83 -16.78 35.25
N GLY B 92 1.48 -16.44 34.03
CA GLY B 92 1.75 -17.30 32.90
C GLY B 92 2.74 -16.68 31.96
N ILE B 93 2.21 -15.88 31.04
CA ILE B 93 3.03 -15.23 30.03
C ILE B 93 2.68 -13.74 29.85
N VAL B 94 1.39 -13.46 29.82
CA VAL B 94 0.88 -12.10 29.61
C VAL B 94 1.19 -11.14 30.76
N PHE B 95 1.04 -11.60 32.00
CA PHE B 95 1.27 -10.76 33.16
C PHE B 95 2.63 -10.98 33.82
N SER B 96 3.40 -11.93 33.29
CA SER B 96 4.72 -12.25 33.85
C SER B 96 5.83 -11.25 33.52
N ASN B 97 6.93 -11.37 34.26
CA ASN B 97 8.12 -10.53 34.10
C ASN B 97 9.34 -11.39 34.43
N GLY B 98 10.53 -10.84 34.22
CA GLY B 98 11.77 -11.53 34.51
C GLY B 98 12.02 -12.87 33.83
N LYS B 99 12.74 -13.75 34.53
CA LYS B 99 13.07 -15.09 34.05
C LYS B 99 11.86 -15.96 33.75
N LYS B 100 10.79 -15.81 34.54
CA LYS B 100 9.58 -16.59 34.34
C LYS B 100 8.99 -16.31 32.98
N TRP B 101 8.92 -15.03 32.63
CA TRP B 101 8.40 -14.60 31.35
C TRP B 101 9.29 -15.07 30.22
N LYS B 102 10.57 -14.68 30.30
CA LYS B 102 11.57 -15.05 29.29
C LYS B 102 11.57 -16.51 28.91
N GLU B 103 11.40 -17.38 29.91
CA GLU B 103 11.38 -18.82 29.66
C GLU B 103 10.07 -19.34 29.13
N ILE B 104 8.95 -18.91 29.72
CA ILE B 104 7.62 -19.37 29.26
C ILE B 104 7.25 -18.83 27.88
N ARG B 105 7.66 -17.60 27.58
CA ARG B 105 7.37 -16.99 26.28
C ARG B 105 8.14 -17.73 25.20
N ARG B 106 9.40 -18.01 25.51
CA ARG B 106 10.32 -18.71 24.62
C ARG B 106 9.82 -20.10 24.26
N PHE B 107 9.30 -20.81 25.26
CA PHE B 107 8.78 -22.16 25.06
C PHE B 107 7.52 -22.11 24.22
N SER B 108 6.65 -21.14 24.52
CA SER B 108 5.38 -20.96 23.80
C SER B 108 5.59 -20.67 22.34
N LEU B 109 6.57 -19.81 22.03
CA LEU B 109 6.90 -19.45 20.65
C LEU B 109 7.40 -20.65 19.86
N MET B 110 8.21 -21.47 20.51
CA MET B 110 8.77 -22.68 19.91
C MET B 110 7.71 -23.71 19.55
N THR B 111 6.72 -23.89 20.44
CA THR B 111 5.66 -24.86 20.21
C THR B 111 4.51 -24.30 19.37
N LEU B 112 4.44 -22.97 19.27
CA LEU B 112 3.39 -22.34 18.47
C LEU B 112 3.79 -22.21 17.01
N ARG B 113 5.00 -22.68 16.69
CA ARG B 113 5.49 -22.68 15.31
C ARG B 113 4.58 -23.68 14.59
N ASN B 114 4.37 -23.49 13.30
CA ASN B 114 3.49 -24.34 12.50
C ASN B 114 3.53 -25.85 12.76
N PHE B 115 4.74 -26.39 12.80
CA PHE B 115 4.96 -27.81 13.07
C PHE B 115 5.76 -27.82 14.38
N GLY B 116 5.25 -27.12 15.38
CA GLY B 116 5.93 -27.01 16.64
C GLY B 116 5.62 -28.07 17.68
N MET B 117 4.55 -28.84 17.45
CA MET B 117 4.14 -29.87 18.39
C MET B 117 3.50 -31.09 17.70
N GLY B 118 4.34 -31.93 17.14
CA GLY B 118 3.85 -33.13 16.49
C GLY B 118 3.63 -33.07 14.99
N LYS B 119 2.94 -34.10 14.50
CA LYS B 119 2.66 -34.28 13.07
C LYS B 119 1.63 -33.32 12.48
N ARG B 120 0.69 -32.84 13.30
CA ARG B 120 -0.32 -31.91 12.79
C ARG B 120 0.19 -30.48 12.85
N SER B 121 -0.12 -29.72 11.81
CA SER B 121 0.30 -28.33 11.73
C SER B 121 -0.76 -27.38 12.26
N ILE B 122 -0.32 -26.22 12.74
CA ILE B 122 -1.24 -25.19 13.21
C ILE B 122 -2.15 -24.85 12.05
N GLU B 123 -1.56 -24.71 10.86
CA GLU B 123 -2.32 -24.39 9.65
C GLU B 123 -3.47 -25.35 9.41
N ASP B 124 -3.19 -26.64 9.53
CA ASP B 124 -4.21 -27.66 9.32
C ASP B 124 -5.34 -27.52 10.34
N ARG B 125 -4.98 -27.10 11.55
CA ARG B 125 -5.96 -26.89 12.61
C ARG B 125 -6.86 -25.70 12.22
N VAL B 126 -6.25 -24.63 11.72
CA VAL B 126 -6.98 -23.44 11.30
C VAL B 126 -7.87 -23.71 10.07
N GLN B 127 -7.40 -24.57 9.17
CA GLN B 127 -8.16 -24.93 7.98
C GLN B 127 -9.38 -25.74 8.35
N GLU B 128 -9.24 -26.62 9.34
CA GLU B 128 -10.36 -27.44 9.80
C GLU B 128 -11.42 -26.53 10.39
N GLU B 129 -10.95 -25.54 11.16
CA GLU B 129 -11.84 -24.58 11.78
C GLU B 129 -12.58 -23.75 10.75
N ALA B 130 -11.87 -23.36 9.68
CA ALA B 130 -12.44 -22.57 8.59
C ALA B 130 -13.60 -23.30 7.93
N ARG B 131 -13.42 -24.60 7.66
CA ARG B 131 -14.46 -25.44 7.04
C ARG B 131 -15.71 -25.52 7.92
N CYS B 132 -15.49 -25.64 9.23
CA CYS B 132 -16.56 -25.70 10.24
C CYS B 132 -17.28 -24.37 10.39
N LEU B 133 -16.53 -23.28 10.31
CA LEU B 133 -17.07 -21.92 10.40
C LEU B 133 -18.08 -21.75 9.27
N VAL B 134 -17.68 -22.16 8.07
CA VAL B 134 -18.51 -22.09 6.86
C VAL B 134 -19.77 -22.94 7.03
N GLU B 135 -19.59 -24.14 7.58
CA GLU B 135 -20.72 -25.04 7.82
C GLU B 135 -21.76 -24.37 8.73
N GLU B 136 -21.28 -23.73 9.79
CA GLU B 136 -22.14 -23.03 10.73
C GLU B 136 -22.89 -21.88 10.14
N LEU B 137 -22.19 -21.10 9.31
CA LEU B 137 -22.78 -19.96 8.65
C LEU B 137 -23.82 -20.42 7.64
N ARG B 138 -23.64 -21.65 7.15
CA ARG B 138 -24.58 -22.23 6.22
C ARG B 138 -25.88 -22.54 6.97
N LYS B 139 -25.75 -22.93 8.24
CA LYS B 139 -26.91 -23.22 9.09
C LYS B 139 -27.81 -21.99 9.29
N THR B 140 -27.25 -20.78 9.12
CA THR B 140 -28.01 -19.54 9.29
C THR B 140 -29.07 -19.34 8.21
N LYS B 141 -28.90 -20.05 7.08
CA LYS B 141 -29.84 -20.04 5.95
C LYS B 141 -30.17 -18.70 5.32
N ALA B 142 -29.14 -17.87 5.09
CA ALA B 142 -29.32 -16.55 4.46
C ALA B 142 -30.28 -15.61 5.19
N SER B 143 -30.48 -15.85 6.48
CA SER B 143 -31.39 -15.03 7.27
C SER B 143 -30.56 -14.08 8.12
N PRO B 144 -31.08 -12.87 8.46
CA PRO B 144 -30.39 -11.87 9.29
C PRO B 144 -29.59 -12.53 10.42
N CYS B 145 -28.39 -12.02 10.67
CA CYS B 145 -27.55 -12.65 11.67
C CYS B 145 -26.59 -11.74 12.38
N ASP B 146 -26.53 -11.87 13.71
CA ASP B 146 -25.56 -11.13 14.52
C ASP B 146 -24.43 -12.17 14.56
N PRO B 147 -23.36 -11.95 13.77
CA PRO B 147 -22.23 -12.87 13.71
C PRO B 147 -21.31 -12.93 14.93
N THR B 148 -21.59 -12.11 15.95
CA THR B 148 -20.76 -12.05 17.16
C THR B 148 -20.40 -13.39 17.77
N PHE B 149 -21.42 -14.24 17.92
CA PHE B 149 -21.22 -15.55 18.51
C PHE B 149 -20.40 -16.53 17.67
N ILE B 150 -20.87 -16.81 16.46
CA ILE B 150 -20.19 -17.72 15.53
C ILE B 150 -18.73 -17.35 15.34
N LEU B 151 -18.48 -16.06 15.04
CA LEU B 151 -17.14 -15.55 14.85
C LEU B 151 -16.33 -15.68 16.11
N GLY B 152 -16.99 -15.73 17.26
CA GLY B 152 -16.30 -15.88 18.54
C GLY B 152 -15.84 -17.31 18.82
N CYS B 153 -16.60 -18.29 18.35
CA CYS B 153 -16.31 -19.71 18.56
C CYS B 153 -15.11 -20.23 17.76
N ALA B 154 -14.94 -19.74 16.53
CA ALA B 154 -13.84 -20.15 15.66
C ALA B 154 -12.43 -19.93 16.25
N PRO B 155 -12.10 -18.69 16.72
CA PRO B 155 -10.79 -18.39 17.31
C PRO B 155 -10.57 -19.12 18.62
N CYS B 156 -11.64 -19.27 19.39
CA CYS B 156 -11.59 -19.97 20.67
C CYS B 156 -11.30 -21.44 20.42
N ASN B 157 -11.98 -22.01 19.41
CA ASN B 157 -11.80 -23.41 19.06
C ASN B 157 -10.40 -23.72 18.55
N VAL B 158 -9.77 -22.74 17.90
CA VAL B 158 -8.41 -22.88 17.40
C VAL B 158 -7.47 -23.12 18.57
N ILE B 159 -7.59 -22.28 19.60
CA ILE B 159 -6.77 -22.42 20.81
C ILE B 159 -7.09 -23.74 21.54
N CYS B 160 -8.37 -24.13 21.56
CA CYS B 160 -8.78 -25.39 22.20
C CYS B 160 -8.05 -26.53 21.50
N SER B 161 -8.03 -26.50 20.17
CA SER B 161 -7.37 -27.49 19.34
C SER B 161 -5.85 -27.48 19.51
N ILE B 162 -5.29 -26.32 19.84
CA ILE B 162 -3.84 -26.19 20.02
C ILE B 162 -3.40 -26.72 21.38
N ILE B 163 -4.26 -26.57 22.38
CA ILE B 163 -3.94 -26.98 23.74
C ILE B 163 -4.41 -28.38 24.13
N PHE B 164 -5.57 -28.79 23.62
CA PHE B 164 -6.15 -30.09 23.96
C PHE B 164 -6.01 -31.13 22.89
N HIS B 165 -5.55 -30.69 21.72
CA HIS B 165 -5.39 -31.49 20.52
C HIS B 165 -6.69 -31.60 19.77
N LYS B 166 -7.84 -31.79 20.37
CA LYS B 166 -9.04 -31.83 19.60
C LYS B 166 -9.84 -30.58 19.73
N ARG B 167 -10.52 -30.21 18.65
CA ARG B 167 -11.39 -29.03 18.65
C ARG B 167 -12.75 -29.52 19.16
N PHE B 168 -13.57 -28.63 19.69
CA PHE B 168 -14.88 -29.05 20.17
C PHE B 168 -15.94 -28.70 19.16
N ASP B 169 -17.08 -29.38 19.27
CA ASP B 169 -18.21 -29.09 18.40
C ASP B 169 -18.76 -27.80 19.01
N TYR B 170 -19.31 -26.94 18.17
CA TYR B 170 -19.85 -25.67 18.63
C TYR B 170 -21.06 -25.77 19.55
N LYS B 171 -21.43 -27.00 19.91
CA LYS B 171 -22.57 -27.23 20.79
C LYS B 171 -22.24 -28.05 22.02
N ASP B 172 -21.01 -28.57 22.05
CA ASP B 172 -20.51 -29.34 23.18
C ASP B 172 -20.53 -28.37 24.37
N GLN B 173 -21.13 -28.80 25.47
CA GLN B 173 -21.24 -27.98 26.67
C GLN B 173 -19.93 -27.50 27.29
N GLN B 174 -18.88 -28.31 27.23
CA GLN B 174 -17.57 -27.94 27.77
C GLN B 174 -17.12 -26.64 27.13
N PHE B 175 -17.24 -26.62 25.80
CA PHE B 175 -16.89 -25.50 24.96
C PHE B 175 -17.67 -24.24 25.28
N LEU B 176 -19.00 -24.37 25.31
CA LEU B 176 -19.89 -23.25 25.60
C LEU B 176 -19.60 -22.57 26.93
N ASN B 177 -19.21 -23.37 27.93
CA ASN B 177 -18.87 -22.87 29.25
C ASN B 177 -17.65 -21.97 29.21
N LEU B 178 -16.61 -22.44 28.52
CA LEU B 178 -15.37 -21.70 28.34
C LEU B 178 -15.62 -20.42 27.56
N MET B 179 -16.57 -20.49 26.63
CA MET B 179 -16.97 -19.38 25.80
C MET B 179 -17.69 -18.35 26.66
N GLU B 180 -18.60 -18.87 27.51
CA GLU B 180 -19.40 -18.07 28.43
C GLU B 180 -18.52 -17.25 29.38
N LYS B 181 -17.47 -17.88 29.91
CA LYS B 181 -16.53 -17.24 30.83
C LYS B 181 -15.65 -16.20 30.19
N LEU B 182 -15.08 -16.55 29.02
CA LEU B 182 -14.21 -15.63 28.27
C LEU B 182 -14.96 -14.36 27.94
N ASN B 183 -16.19 -14.52 27.47
CA ASN B 183 -17.06 -13.41 27.11
C ASN B 183 -17.54 -12.58 28.28
N GLU B 184 -17.67 -13.19 29.46
CA GLU B 184 -18.09 -12.48 30.64
C GLU B 184 -16.97 -11.53 31.06
N ASN B 185 -15.75 -12.05 31.06
CA ASN B 185 -14.55 -11.28 31.41
C ASN B 185 -14.33 -10.10 30.50
N ILE B 186 -14.70 -10.27 29.23
CA ILE B 186 -14.58 -9.22 28.22
C ILE B 186 -15.61 -8.15 28.51
N GLU B 187 -16.83 -8.57 28.84
CA GLU B 187 -17.91 -7.65 29.15
C GLU B 187 -17.64 -6.84 30.41
N ILE B 188 -17.11 -7.50 31.43
CA ILE B 188 -16.78 -6.83 32.68
C ILE B 188 -15.69 -5.81 32.43
N LEU B 189 -14.66 -6.24 31.71
CA LEU B 189 -13.52 -5.40 31.37
C LEU B 189 -13.82 -4.25 30.43
N SER B 190 -14.86 -4.40 29.60
CA SER B 190 -15.21 -3.36 28.64
C SER B 190 -16.20 -2.30 29.12
N SER B 191 -16.62 -2.37 30.40
CA SER B 191 -17.53 -1.39 30.96
C SER B 191 -16.69 -0.16 31.33
N PRO B 192 -17.00 1.01 30.78
CA PRO B 192 -16.33 2.24 31.09
C PRO B 192 -15.96 2.60 32.46
N TRP B 193 -16.82 2.26 33.36
CA TRP B 193 -16.55 2.59 34.72
C TRP B 193 -15.56 1.65 35.43
N ILE B 194 -14.74 0.97 34.64
CA ILE B 194 -13.70 0.09 35.16
C ILE B 194 -12.50 1.03 35.41
N GLN B 195 -12.35 2.04 34.55
CA GLN B 195 -11.30 3.02 34.67
C GLN B 195 -11.18 3.74 35.97
N VAL B 196 -12.32 3.88 36.63
CA VAL B 196 -12.38 4.52 37.93
C VAL B 196 -11.53 3.76 38.95
N TYR B 197 -11.42 2.44 38.79
CA TYR B 197 -10.62 1.60 39.68
C TYR B 197 -9.14 1.88 39.52
N ASN B 198 -8.70 2.16 38.29
CA ASN B 198 -7.30 2.44 38.01
C ASN B 198 -6.83 3.83 38.42
N ASN B 199 -7.77 4.72 38.69
CA ASN B 199 -7.44 6.07 39.13
C ASN B 199 -7.55 6.12 40.63
N PHE B 200 -8.49 5.33 41.16
CA PHE B 200 -8.74 5.27 42.58
C PHE B 200 -8.75 3.81 43.04
N PRO B 201 -7.56 3.18 43.17
CA PRO B 201 -7.45 1.79 43.59
C PRO B 201 -8.06 1.42 44.93
N ALA B 202 -8.34 2.41 45.78
CA ALA B 202 -8.96 2.13 47.08
C ALA B 202 -10.40 1.66 46.88
N LEU B 203 -11.00 2.10 45.78
CA LEU B 203 -12.37 1.71 45.42
C LEU B 203 -12.49 0.21 45.18
N LEU B 204 -11.36 -0.45 44.99
CA LEU B 204 -11.32 -1.90 44.79
C LEU B 204 -11.76 -2.61 46.06
N ASP B 205 -11.35 -2.07 47.19
CA ASP B 205 -11.70 -2.65 48.49
C ASP B 205 -13.16 -2.43 48.83
N TYR B 206 -13.66 -1.23 48.54
CA TYR B 206 -15.06 -0.89 48.79
C TYR B 206 -16.05 -1.58 47.87
N PHE B 207 -15.66 -1.72 46.59
CA PHE B 207 -16.49 -2.37 45.56
C PHE B 207 -15.68 -3.52 44.97
N PRO B 208 -15.62 -4.65 45.69
CA PRO B 208 -14.90 -5.84 45.27
C PRO B 208 -15.56 -6.74 44.24
N GLY B 209 -16.85 -6.47 43.95
CA GLY B 209 -17.62 -7.26 42.99
C GLY B 209 -16.90 -7.51 41.68
N THR B 210 -16.36 -6.44 41.09
CA THR B 210 -15.57 -6.55 39.85
C THR B 210 -14.22 -6.93 40.40
N HIS B 211 -13.58 -7.91 39.76
CA HIS B 211 -12.28 -8.47 40.16
C HIS B 211 -12.56 -9.76 40.89
N ASN B 212 -13.68 -9.81 41.63
CA ASN B 212 -14.10 -11.01 42.33
C ASN B 212 -14.67 -11.92 41.26
N LYS B 213 -15.47 -11.31 40.39
CA LYS B 213 -16.11 -12.00 39.28
C LYS B 213 -15.08 -12.44 38.24
N LEU B 214 -14.06 -11.62 38.03
CA LEU B 214 -12.99 -11.93 37.10
C LEU B 214 -12.13 -13.05 37.64
N LEU B 215 -11.86 -12.99 38.95
CA LEU B 215 -11.07 -14.02 39.64
C LEU B 215 -11.76 -15.38 39.62
N LYS B 216 -13.09 -15.36 39.72
CA LYS B 216 -13.90 -16.57 39.71
C LYS B 216 -13.89 -17.24 38.34
N ASN B 217 -14.20 -16.46 37.31
CA ASN B 217 -14.22 -16.92 35.92
C ASN B 217 -12.91 -17.57 35.52
N VAL B 218 -11.81 -16.96 35.95
CA VAL B 218 -10.47 -17.48 35.67
C VAL B 218 -10.25 -18.80 36.37
N ALA B 219 -10.61 -18.86 37.65
CA ALA B 219 -10.47 -20.06 38.47
C ALA B 219 -11.28 -21.20 37.88
N PHE B 220 -12.46 -20.87 37.33
CA PHE B 220 -13.33 -21.84 36.69
C PHE B 220 -12.58 -22.44 35.49
N MET B 221 -11.93 -21.56 34.72
CA MET B 221 -11.18 -21.97 33.53
C MET B 221 -9.92 -22.73 33.89
N LYS B 222 -9.18 -22.24 34.89
CA LYS B 222 -7.95 -22.89 35.37
C LYS B 222 -8.24 -24.34 35.75
N SER B 223 -9.40 -24.55 36.38
CA SER B 223 -9.86 -25.86 36.83
C SER B 223 -10.19 -26.78 35.69
N TYR B 224 -10.98 -26.25 34.73
CA TYR B 224 -11.38 -27.02 33.55
C TYR B 224 -10.12 -27.51 32.82
N ILE B 225 -9.09 -26.67 32.81
CA ILE B 225 -7.82 -26.98 32.17
C ILE B 225 -7.07 -28.02 32.99
N LEU B 226 -7.18 -27.94 34.31
CA LEU B 226 -6.51 -28.86 35.20
C LEU B 226 -6.98 -30.30 35.00
N GLU B 227 -8.28 -30.49 34.76
CA GLU B 227 -8.80 -31.84 34.53
C GLU B 227 -8.35 -32.34 33.16
N LYS B 228 -8.06 -31.40 32.26
CA LYS B 228 -7.60 -31.73 30.91
C LYS B 228 -6.13 -32.10 30.89
N VAL B 229 -5.34 -31.50 31.79
CA VAL B 229 -3.91 -31.82 31.86
C VAL B 229 -3.71 -33.13 32.60
N LYS B 230 -4.71 -33.52 33.40
CA LYS B 230 -4.66 -34.77 34.16
C LYS B 230 -4.88 -35.91 33.18
N GLU B 231 -5.84 -35.73 32.28
CA GLU B 231 -6.13 -36.72 31.24
C GLU B 231 -4.89 -36.87 30.35
N HIS B 232 -4.15 -35.78 30.23
CA HIS B 232 -2.93 -35.73 29.43
C HIS B 232 -1.73 -36.31 30.13
N GLN B 233 -1.68 -36.26 31.47
CA GLN B 233 -0.54 -36.85 32.18
C GLN B 233 -0.65 -38.36 32.13
N GLU B 234 -1.88 -38.82 31.92
CA GLU B 234 -2.20 -40.23 31.83
C GLU B 234 -1.89 -40.78 30.43
N SER B 235 -2.69 -40.38 29.45
CA SER B 235 -2.56 -40.83 28.07
C SER B 235 -1.37 -40.23 27.31
N MET B 236 -0.52 -39.46 28.01
CA MET B 236 0.65 -38.83 27.39
C MET B 236 1.63 -39.85 26.83
N ASP B 237 2.37 -39.40 25.83
CA ASP B 237 3.36 -40.23 25.18
C ASP B 237 4.54 -39.35 24.81
N MET B 238 5.61 -39.47 25.58
CA MET B 238 6.85 -38.72 25.29
C MET B 238 7.25 -39.29 23.94
N ASN B 239 7.81 -38.46 23.05
CA ASN B 239 8.25 -38.84 21.68
C ASN B 239 7.16 -38.60 20.65
N ASN B 240 5.92 -38.47 21.14
CA ASN B 240 4.76 -38.22 20.29
C ASN B 240 3.82 -37.15 20.83
N PRO B 241 4.35 -35.93 21.17
CA PRO B 241 3.48 -34.87 21.69
C PRO B 241 2.49 -34.43 20.64
N GLN B 242 1.27 -34.13 21.09
CA GLN B 242 0.22 -33.75 20.15
C GLN B 242 -0.35 -32.36 20.33
N ASP B 243 -0.02 -31.74 21.47
CA ASP B 243 -0.53 -30.40 21.76
C ASP B 243 0.35 -29.63 22.75
N PHE B 244 -0.10 -28.42 23.08
CA PHE B 244 0.60 -27.53 24.02
C PHE B 244 0.83 -28.19 25.37
N ILE B 245 -0.19 -28.88 25.89
CA ILE B 245 -0.07 -29.55 27.17
C ILE B 245 0.99 -30.65 27.14
N ASP B 246 0.94 -31.54 26.13
CA ASP B 246 1.91 -32.62 25.99
C ASP B 246 3.31 -32.06 25.92
N CYS B 247 3.50 -31.00 25.14
CA CYS B 247 4.80 -30.34 25.01
C CYS B 247 5.22 -29.71 26.32
N PHE B 248 4.28 -29.10 27.03
CA PHE B 248 4.56 -28.47 28.32
C PHE B 248 4.93 -29.52 29.36
N LEU B 249 4.11 -30.57 29.44
CA LEU B 249 4.33 -31.68 30.36
C LEU B 249 5.68 -32.32 30.12
N MET B 250 5.97 -32.48 28.84
CA MET B 250 7.21 -33.04 28.33
C MET B 250 8.39 -32.17 28.68
N LYS B 251 8.16 -30.85 28.76
CA LYS B 251 9.19 -29.88 29.11
C LYS B 251 9.50 -29.92 30.61
N MET B 252 8.49 -30.26 31.41
CA MET B 252 8.63 -30.36 32.86
C MET B 252 9.61 -31.46 33.24
N GLU B 253 9.70 -32.48 32.39
CA GLU B 253 10.60 -33.60 32.60
C GLU B 253 12.04 -33.17 32.47
N LYS B 254 12.37 -32.60 31.31
CA LYS B 254 13.70 -32.09 31.00
C LYS B 254 14.22 -31.11 32.06
N GLU B 255 13.29 -30.59 32.87
CA GLU B 255 13.59 -29.62 33.92
C GLU B 255 13.74 -30.17 35.32
N LYS B 256 13.00 -31.21 35.66
CA LYS B 256 13.09 -31.82 36.99
C LYS B 256 14.39 -32.04 37.77
N HIS B 257 15.50 -32.15 37.07
CA HIS B 257 16.75 -32.33 37.73
C HIS B 257 17.44 -31.05 37.98
N ASN B 258 17.37 -30.18 36.98
CA ASN B 258 17.81 -28.81 37.25
C ASN B 258 16.30 -28.42 37.79
N GLN B 259 16.13 -28.58 39.00
CA GLN B 259 15.09 -27.72 39.10
C GLN B 259 14.67 -27.06 40.33
N PRO B 260 14.51 -25.75 40.32
CA PRO B 260 13.41 -25.04 41.14
C PRO B 260 12.35 -24.50 40.11
N SER B 261 12.14 -25.15 38.96
CA SER B 261 11.74 -24.60 37.70
C SER B 261 10.60 -23.64 37.58
N GLU B 262 10.57 -23.07 36.37
CA GLU B 262 9.54 -22.15 35.93
C GLU B 262 8.32 -22.91 35.37
N PHE B 263 8.53 -24.14 34.91
CA PHE B 263 7.45 -24.93 34.35
C PHE B 263 6.83 -25.86 35.37
N THR B 264 5.56 -25.61 35.67
CA THR B 264 4.82 -26.38 36.66
C THR B 264 3.38 -26.49 36.18
N ILE B 265 2.57 -27.28 36.89
CA ILE B 265 1.15 -27.45 36.53
C ILE B 265 0.41 -26.13 36.66
N GLU B 266 0.83 -25.32 37.65
CA GLU B 266 0.21 -24.01 37.86
C GLU B 266 0.57 -23.03 36.76
N SER B 267 1.87 -22.93 36.41
CA SER B 267 2.31 -22.02 35.36
C SER B 267 1.74 -22.42 34.00
N LEU B 268 1.45 -23.71 33.84
CA LEU B 268 0.83 -24.22 32.62
C LEU B 268 -0.60 -23.75 32.59
N GLU B 269 -1.26 -23.89 33.74
CA GLU B 269 -2.65 -23.48 33.89
C GLU B 269 -2.83 -22.02 33.53
N ASN B 270 -1.89 -21.20 34.01
CA ASN B 270 -1.92 -19.77 33.78
C ASN B 270 -1.59 -19.39 32.35
N THR B 271 -0.62 -20.11 31.77
CA THR B 271 -0.21 -19.89 30.39
C THR B 271 -1.33 -20.27 29.43
N ALA B 272 -2.09 -21.30 29.78
CA ALA B 272 -3.20 -21.78 28.96
C ALA B 272 -4.38 -20.83 28.90
N VAL B 273 -4.78 -20.30 30.06
CA VAL B 273 -5.91 -19.36 30.10
C VAL B 273 -5.51 -18.04 29.45
N ASP B 274 -4.20 -17.76 29.48
CA ASP B 274 -3.64 -16.55 28.88
C ASP B 274 -3.81 -16.65 27.37
N LEU B 275 -3.50 -17.83 26.82
CA LEU B 275 -3.63 -18.10 25.40
C LEU B 275 -5.09 -18.01 24.97
N PHE B 276 -5.98 -18.44 25.86
CA PHE B 276 -7.42 -18.37 25.60
C PHE B 276 -7.88 -16.92 25.66
N GLY B 277 -7.35 -16.17 26.61
CA GLY B 277 -7.73 -14.78 26.77
C GLY B 277 -7.17 -13.86 25.71
N ALA B 278 -5.88 -14.02 25.40
CA ALA B 278 -5.24 -13.18 24.40
C ALA B 278 -5.57 -13.61 22.97
N GLY B 279 -5.92 -14.89 22.83
CA GLY B 279 -6.27 -15.45 21.54
C GLY B 279 -7.66 -15.49 21.04
N THR B 280 -8.59 -15.15 21.91
CA THR B 280 -10.01 -15.22 21.55
C THR B 280 -10.62 -13.90 21.14
N GLU B 281 -10.69 -12.97 22.09
CA GLU B 281 -11.30 -11.68 21.89
C GLU B 281 -10.89 -10.85 20.69
N THR B 282 -9.61 -10.50 20.65
CA THR B 282 -9.05 -9.66 19.61
C THR B 282 -9.25 -10.22 18.20
N THR B 283 -8.93 -11.50 18.01
CA THR B 283 -9.09 -12.18 16.71
C THR B 283 -10.55 -12.13 16.29
N SER B 284 -11.42 -12.48 17.24
CA SER B 284 -12.87 -12.48 17.04
C SER B 284 -13.38 -11.12 16.64
N THR B 285 -13.05 -10.11 17.43
CA THR B 285 -13.45 -8.73 17.17
C THR B 285 -12.94 -8.25 15.82
N THR B 286 -11.73 -8.68 15.45
CA THR B 286 -11.14 -8.31 14.16
C THR B 286 -11.95 -8.87 13.01
N LEU B 287 -12.41 -10.11 13.16
CA LEU B 287 -13.22 -10.76 12.13
C LEU B 287 -14.57 -10.11 12.00
N ARG B 288 -15.20 -9.81 13.14
CA ARG B 288 -16.52 -9.16 13.17
C ARG B 288 -16.44 -7.80 12.50
N TYR B 289 -15.40 -7.06 12.84
CA TYR B 289 -15.18 -5.74 12.27
C TYR B 289 -14.86 -5.80 10.77
N ALA B 290 -14.14 -6.84 10.37
CA ALA B 290 -13.77 -7.01 8.96
C ALA B 290 -15.01 -7.21 8.10
N LEU B 291 -15.94 -8.06 8.56
CA LEU B 291 -17.19 -8.30 7.81
C LEU B 291 -18.04 -7.07 7.71
N LEU B 292 -18.04 -6.25 8.77
CA LEU B 292 -18.80 -4.99 8.77
C LEU B 292 -18.24 -4.08 7.69
N LEU B 293 -16.92 -3.97 7.65
CA LEU B 293 -16.23 -3.13 6.67
C LEU B 293 -16.44 -3.64 5.25
N LEU B 294 -16.49 -4.96 5.09
CA LEU B 294 -16.75 -5.57 3.79
C LEU B 294 -18.18 -5.27 3.34
N LEU B 295 -19.08 -5.15 4.31
CA LEU B 295 -20.48 -4.80 4.06
C LEU B 295 -20.59 -3.35 3.60
N LYS B 296 -19.87 -2.47 4.28
CA LYS B 296 -19.86 -1.04 3.99
C LYS B 296 -19.22 -0.71 2.64
N HIS B 297 -18.27 -1.54 2.23
CA HIS B 297 -17.54 -1.33 0.97
C HIS B 297 -17.65 -2.55 0.05
N PRO B 298 -18.79 -2.72 -0.65
CA PRO B 298 -18.94 -3.87 -1.54
C PRO B 298 -18.00 -3.89 -2.75
N GLU B 299 -17.52 -2.71 -3.14
CA GLU B 299 -16.57 -2.60 -4.26
C GLU B 299 -15.28 -3.34 -3.88
N VAL B 300 -14.89 -3.19 -2.61
CA VAL B 300 -13.71 -3.86 -2.04
C VAL B 300 -13.95 -5.36 -1.96
N THR B 301 -15.13 -5.76 -1.48
CA THR B 301 -15.52 -7.17 -1.34
C THR B 301 -15.50 -7.86 -2.70
N ALA B 302 -16.03 -7.19 -3.72
CA ALA B 302 -16.07 -7.72 -5.08
C ALA B 302 -14.67 -7.99 -5.63
N LYS B 303 -13.72 -7.10 -5.30
CA LYS B 303 -12.34 -7.30 -5.74
C LYS B 303 -11.69 -8.48 -5.02
N VAL B 304 -12.01 -8.65 -3.73
CA VAL B 304 -11.46 -9.76 -2.94
C VAL B 304 -11.94 -11.09 -3.54
N GLN B 305 -13.22 -11.14 -3.91
CA GLN B 305 -13.81 -12.33 -4.51
C GLN B 305 -13.28 -12.63 -5.89
N GLU B 306 -12.92 -11.59 -6.65
CA GLU B 306 -12.36 -11.80 -7.99
C GLU B 306 -11.01 -12.50 -7.83
N GLU B 307 -10.28 -12.10 -6.79
CA GLU B 307 -8.96 -12.64 -6.47
C GLU B 307 -9.05 -14.09 -5.99
N ILE B 308 -10.04 -14.39 -5.16
CA ILE B 308 -10.26 -15.74 -4.64
C ILE B 308 -10.60 -16.66 -5.81
N GLU B 309 -11.46 -16.17 -6.69
CA GLU B 309 -11.91 -16.89 -7.88
C GLU B 309 -10.77 -17.29 -8.80
N ARG B 310 -9.83 -16.37 -9.00
CA ARG B 310 -8.70 -16.62 -9.87
C ARG B 310 -7.56 -17.42 -9.26
N VAL B 311 -7.28 -17.19 -7.99
CA VAL B 311 -6.17 -17.88 -7.32
C VAL B 311 -6.56 -19.22 -6.71
N ILE B 312 -7.70 -19.23 -6.06
CA ILE B 312 -8.21 -20.42 -5.39
C ILE B 312 -9.41 -20.81 -6.22
N GLY B 313 -9.68 -22.10 -6.35
CA GLY B 313 -10.87 -22.49 -7.10
C GLY B 313 -12.09 -22.10 -6.28
N ARG B 314 -13.22 -22.70 -6.57
CA ARG B 314 -14.42 -22.46 -5.79
C ARG B 314 -14.57 -23.80 -5.05
N ASN B 315 -13.64 -24.69 -5.38
CA ASN B 315 -13.55 -26.03 -4.84
C ASN B 315 -12.66 -26.08 -3.62
N ARG B 316 -11.37 -26.35 -3.81
CA ARG B 316 -10.41 -26.44 -2.71
C ARG B 316 -10.50 -25.31 -1.68
N SER B 317 -10.05 -25.60 -0.48
CA SER B 317 -10.09 -24.61 0.57
C SER B 317 -8.82 -23.78 0.47
N PRO B 318 -8.88 -22.49 0.90
CA PRO B 318 -7.72 -21.61 0.86
C PRO B 318 -6.62 -22.13 1.79
N CYS B 319 -5.38 -21.72 1.53
CA CYS B 319 -4.25 -22.13 2.35
C CYS B 319 -3.31 -20.95 2.39
N MET B 320 -2.35 -20.97 3.30
CA MET B 320 -1.40 -19.86 3.42
C MET B 320 -0.58 -19.57 2.18
N GLN B 321 -0.29 -20.61 1.38
CA GLN B 321 0.48 -20.43 0.14
C GLN B 321 -0.20 -19.52 -0.88
N ASP B 322 -1.52 -19.35 -0.76
CA ASP B 322 -2.28 -18.49 -1.65
C ASP B 322 -2.13 -17.01 -1.37
N ARG B 323 -1.71 -16.67 -0.16
CA ARG B 323 -1.57 -15.27 0.24
C ARG B 323 -0.63 -14.41 -0.58
N SER B 324 0.53 -14.93 -0.93
CA SER B 324 1.49 -14.16 -1.73
C SER B 324 0.97 -13.88 -3.14
N HIS B 325 0.00 -14.67 -3.60
CA HIS B 325 -0.59 -14.48 -4.93
C HIS B 325 -1.90 -13.73 -4.80
N MET B 326 -2.17 -13.24 -3.59
CA MET B 326 -3.39 -12.49 -3.31
C MET B 326 -3.07 -11.15 -2.61
N PRO B 327 -2.37 -10.23 -3.30
CA PRO B 327 -1.99 -8.91 -2.76
C PRO B 327 -3.14 -8.02 -2.30
N TYR B 328 -4.26 -8.07 -3.03
CA TYR B 328 -5.43 -7.27 -2.69
C TYR B 328 -6.03 -7.73 -1.37
N THR B 329 -6.38 -9.02 -1.28
CA THR B 329 -6.96 -9.61 -0.07
C THR B 329 -6.05 -9.36 1.12
N ASP B 330 -4.75 -9.52 0.91
CA ASP B 330 -3.75 -9.29 1.95
C ASP B 330 -3.80 -7.83 2.39
N ALA B 331 -4.00 -6.91 1.44
CA ALA B 331 -4.08 -5.49 1.74
C ALA B 331 -5.34 -5.16 2.55
N VAL B 332 -6.46 -5.79 2.19
CA VAL B 332 -7.74 -5.62 2.88
C VAL B 332 -7.60 -6.01 4.35
N VAL B 333 -6.98 -7.16 4.60
CA VAL B 333 -6.77 -7.66 5.96
C VAL B 333 -5.90 -6.70 6.76
N HIS B 334 -4.76 -6.30 6.18
CA HIS B 334 -3.86 -5.37 6.85
C HIS B 334 -4.58 -4.07 7.17
N GLU B 335 -5.37 -3.60 6.20
CA GLU B 335 -6.15 -2.39 6.33
C GLU B 335 -7.27 -2.46 7.35
N VAL B 336 -7.82 -3.65 7.55
CA VAL B 336 -8.86 -3.82 8.56
C VAL B 336 -8.17 -3.65 9.93
N GLN B 337 -7.03 -4.32 10.10
CA GLN B 337 -6.27 -4.25 11.34
C GLN B 337 -5.73 -2.85 11.64
N ARG B 338 -5.27 -2.15 10.61
CA ARG B 338 -4.75 -0.80 10.78
C ARG B 338 -5.87 0.17 11.15
N TYR B 339 -6.94 0.15 10.37
CA TYR B 339 -8.10 1.00 10.60
C TYR B 339 -8.74 0.87 11.98
N ILE B 340 -9.06 -0.37 12.37
CA ILE B 340 -9.74 -0.62 13.64
C ILE B 340 -9.02 -0.30 14.93
N ASP B 341 -7.69 -0.39 14.92
CA ASP B 341 -6.87 -0.03 16.09
C ASP B 341 -7.44 -0.64 17.40
N LEU B 342 -7.57 -1.97 17.41
CA LEU B 342 -8.15 -2.70 18.54
C LEU B 342 -7.57 -2.49 19.92
N LEU B 343 -6.26 -2.32 19.98
CA LEU B 343 -5.56 -2.10 21.24
C LEU B 343 -4.74 -0.82 21.07
N PRO B 344 -5.42 0.35 21.13
CA PRO B 344 -4.92 1.72 21.00
C PRO B 344 -3.63 2.00 21.72
N THR B 345 -3.51 1.39 22.89
CA THR B 345 -2.35 1.54 23.73
C THR B 345 -1.74 0.19 24.07
N SER B 346 -1.86 -0.77 23.14
CA SER B 346 -1.31 -2.12 23.32
C SER B 346 -1.70 -2.64 24.72
N LEU B 347 -0.73 -3.20 25.42
CA LEU B 347 -0.86 -3.65 26.79
C LEU B 347 0.22 -2.81 27.47
N PRO B 348 0.07 -2.56 28.78
CA PRO B 348 1.08 -1.75 29.48
C PRO B 348 2.46 -2.35 29.58
N HIS B 349 3.46 -1.49 29.37
CA HIS B 349 4.85 -1.87 29.47
C HIS B 349 5.40 -1.26 30.76
N ALA B 350 6.63 -1.61 31.08
CA ALA B 350 7.31 -1.10 32.27
C ALA B 350 8.79 -1.23 32.03
N VAL B 351 9.55 -0.21 32.37
CA VAL B 351 11.00 -0.28 32.19
C VAL B 351 11.69 -1.25 33.14
N THR B 352 12.64 -1.99 32.57
CA THR B 352 13.43 -2.99 33.27
C THR B 352 14.43 -2.44 34.29
N CYS B 353 14.88 -1.21 34.07
CA CYS B 353 15.88 -0.58 34.92
C CYS B 353 15.88 0.91 34.70
N ASP B 354 16.53 1.65 35.61
CA ASP B 354 16.66 3.11 35.46
C ASP B 354 17.30 3.30 34.09
N ILE B 355 16.73 4.21 33.32
CA ILE B 355 17.22 4.44 31.97
C ILE B 355 17.01 5.87 31.58
N LYS B 356 17.80 6.33 30.61
CA LYS B 356 17.67 7.67 30.08
C LYS B 356 17.13 7.53 28.66
N PHE B 357 15.94 8.07 28.44
CA PHE B 357 15.31 8.02 27.15
C PHE B 357 15.06 9.43 26.67
N ARG B 358 15.65 9.77 25.52
CA ARG B 358 15.51 11.10 24.91
C ARG B 358 15.84 12.20 25.92
N ASN B 359 16.85 11.94 26.77
CA ASN B 359 17.29 12.91 27.79
C ASN B 359 16.40 13.00 29.04
N TYR B 360 15.56 12.00 29.26
CA TYR B 360 14.67 11.95 30.39
C TYR B 360 15.17 10.73 31.03
N LEU B 361 15.02 10.66 32.33
CA LEU B 361 15.50 9.53 33.07
C LEU B 361 14.19 8.93 33.57
N ILE B 362 14.02 7.64 33.35
CA ILE B 362 12.79 6.94 33.74
C ILE B 362 13.24 5.84 34.69
N PRO B 363 12.84 5.91 35.98
CA PRO B 363 13.25 4.88 36.93
C PRO B 363 12.66 3.50 36.70
N LYS B 364 13.42 2.48 37.10
CA LYS B 364 13.02 1.06 37.02
C LYS B 364 11.58 0.84 37.44
N GLY B 365 10.85 0.10 36.63
CA GLY B 365 9.47 -0.21 36.96
C GLY B 365 8.41 0.81 36.60
N THR B 366 8.77 1.98 36.06
CA THR B 366 7.76 2.98 35.67
C THR B 366 6.90 2.39 34.56
N THR B 367 5.59 2.50 34.70
CA THR B 367 4.66 2.00 33.69
C THR B 367 4.75 2.83 32.41
N ILE B 368 4.84 2.13 31.28
CA ILE B 368 4.95 2.77 29.98
C ILE B 368 3.75 2.46 29.08
N LEU B 369 3.15 3.51 28.53
CA LEU B 369 2.04 3.35 27.61
C LEU B 369 2.47 3.58 26.16
N ILE B 370 2.33 2.54 25.35
CA ILE B 370 2.70 2.61 23.94
C ILE B 370 1.49 3.00 23.13
N SER B 371 1.57 4.10 22.41
CA SER B 371 0.45 4.53 21.59
C SER B 371 0.51 3.89 20.21
N LEU B 372 -0.13 2.73 20.07
CA LEU B 372 -0.18 2.04 18.80
C LEU B 372 -1.00 2.82 17.77
N THR B 373 -1.93 3.64 18.25
CA THR B 373 -2.77 4.46 17.39
C THR B 373 -1.95 5.44 16.57
N SER B 374 -1.00 6.08 17.23
CA SER B 374 -0.14 7.04 16.58
C SER B 374 0.78 6.47 15.51
N VAL B 375 0.91 5.14 15.49
CA VAL B 375 1.73 4.49 14.49
C VAL B 375 0.83 4.00 13.38
N LEU B 376 -0.29 3.37 13.76
CA LEU B 376 -1.26 2.83 12.81
C LEU B 376 -1.99 3.93 12.06
N HIS B 377 -2.10 5.11 12.70
CA HIS B 377 -2.80 6.24 12.10
C HIS B 377 -1.89 7.41 11.78
N ASP B 378 -0.62 7.12 11.53
CA ASP B 378 0.35 8.13 11.17
C ASP B 378 -0.11 8.80 9.88
N ASN B 379 -0.27 10.13 9.93
CA ASN B 379 -0.76 10.90 8.80
C ASN B 379 0.09 10.92 7.52
N LYS B 380 1.39 10.69 7.65
CA LYS B 380 2.28 10.71 6.49
C LYS B 380 2.35 9.35 5.81
N GLU B 381 2.46 8.29 6.60
CA GLU B 381 2.52 6.95 6.07
C GLU B 381 1.19 6.49 5.51
N PHE B 382 0.12 6.92 6.16
CA PHE B 382 -1.22 6.57 5.75
C PHE B 382 -2.05 7.85 5.60
N PRO B 383 -1.96 8.56 4.43
CA PRO B 383 -2.61 9.80 4.01
C PRO B 383 -3.96 10.26 4.59
N ASN B 384 -4.94 9.38 4.62
CA ASN B 384 -6.25 9.68 5.22
C ASN B 384 -6.42 8.54 6.23
N PRO B 385 -5.66 8.60 7.35
CA PRO B 385 -5.62 7.64 8.44
C PRO B 385 -6.92 7.19 9.07
N GLU B 386 -7.93 8.05 9.02
CA GLU B 386 -9.23 7.71 9.59
C GLU B 386 -10.19 7.09 8.62
N MET B 387 -9.72 6.89 7.38
CA MET B 387 -10.53 6.28 6.35
C MET B 387 -10.06 4.85 6.08
N PHE B 388 -11.02 3.99 5.76
CA PHE B 388 -10.70 2.61 5.44
C PHE B 388 -10.33 2.58 3.95
N ASP B 389 -9.10 2.21 3.65
CA ASP B 389 -8.68 2.18 2.26
C ASP B 389 -7.55 1.18 2.01
N PRO B 390 -7.85 0.07 1.33
CA PRO B 390 -6.86 -0.98 1.01
C PRO B 390 -5.60 -0.46 0.33
N HIS B 391 -5.75 0.65 -0.40
CA HIS B 391 -4.61 1.30 -1.09
C HIS B 391 -3.50 1.69 -0.15
N HIS B 392 -3.81 1.75 1.14
CA HIS B 392 -2.83 2.06 2.18
C HIS B 392 -1.76 0.97 2.21
N PHE B 393 -2.10 -0.20 1.67
CA PHE B 393 -1.16 -1.32 1.60
C PHE B 393 -0.96 -1.85 0.19
N LEU B 394 -1.17 -0.99 -0.79
CA LEU B 394 -1.02 -1.32 -2.21
C LEU B 394 -0.21 -0.27 -2.98
N ASP B 395 0.65 -0.71 -3.89
CA ASP B 395 1.40 0.25 -4.72
C ASP B 395 0.50 0.62 -5.91
N GLU B 396 1.02 1.37 -6.90
CA GLU B 396 0.25 1.79 -8.09
C GLU B 396 -0.23 0.59 -8.90
N GLY B 397 0.60 -0.44 -8.96
CA GLY B 397 0.21 -1.69 -9.60
C GLY B 397 -0.55 -2.28 -8.43
N GLY B 398 -1.34 -3.33 -8.57
CA GLY B 398 -2.01 -3.79 -7.36
C GLY B 398 -1.15 -4.67 -6.47
N ASN B 399 0.14 -4.38 -6.29
CA ASN B 399 1.02 -5.23 -5.47
C ASN B 399 1.00 -4.83 -4.01
N PHE B 400 1.27 -5.80 -3.13
CA PHE B 400 1.28 -5.58 -1.71
C PHE B 400 2.40 -4.64 -1.28
N LYS B 401 2.02 -3.57 -0.59
CA LYS B 401 2.95 -2.58 -0.09
C LYS B 401 3.02 -2.63 1.43
N LYS B 402 4.07 -3.27 1.94
CA LYS B 402 4.30 -3.37 3.38
C LYS B 402 4.59 -2.00 3.98
N SER B 403 4.42 -1.89 5.29
CA SER B 403 4.71 -0.65 6.01
C SER B 403 5.30 -0.99 7.36
N LYS B 404 6.34 -0.26 7.77
CA LYS B 404 6.96 -0.49 9.07
C LYS B 404 6.09 0.11 10.17
N TYR B 405 5.02 0.77 9.75
CA TYR B 405 4.06 1.39 10.65
C TYR B 405 2.91 0.46 10.98
N PHE B 406 2.97 -0.76 10.44
CA PHE B 406 1.95 -1.75 10.70
C PHE B 406 2.34 -2.48 12.00
N MET B 407 1.87 -1.96 13.13
CA MET B 407 2.13 -2.56 14.44
C MET B 407 0.87 -2.94 15.23
N PRO B 408 -0.14 -3.59 14.60
CA PRO B 408 -1.34 -3.93 15.38
C PRO B 408 -1.05 -4.98 16.46
N PHE B 409 0.05 -5.71 16.31
CA PHE B 409 0.46 -6.70 17.28
C PHE B 409 1.57 -6.15 18.14
N SER B 410 1.81 -4.84 18.03
CA SER B 410 2.86 -4.13 18.76
C SER B 410 4.24 -4.41 18.13
N ALA B 411 5.31 -4.22 18.91
CA ALA B 411 6.67 -4.42 18.42
C ALA B 411 7.65 -4.76 19.54
N GLY B 412 8.79 -5.32 19.15
CA GLY B 412 9.83 -5.67 20.10
C GLY B 412 9.72 -7.00 20.82
N LYS B 413 10.38 -7.07 21.98
CA LYS B 413 10.42 -8.26 22.84
C LYS B 413 9.06 -8.81 23.30
N ARG B 414 8.07 -7.93 23.39
CA ARG B 414 6.73 -8.33 23.82
C ARG B 414 5.71 -8.43 22.70
N ILE B 415 6.17 -8.44 21.45
CA ILE B 415 5.26 -8.55 20.29
C ILE B 415 4.35 -9.77 20.44
N CYS B 416 3.08 -9.64 20.06
CA CYS B 416 2.09 -10.73 20.18
C CYS B 416 2.68 -12.10 19.86
N VAL B 417 2.58 -13.00 20.81
CA VAL B 417 3.07 -14.37 20.67
C VAL B 417 2.30 -15.06 19.55
N GLY B 418 1.08 -14.61 19.32
CA GLY B 418 0.26 -15.21 18.30
C GLY B 418 0.17 -14.44 17.00
N GLU B 419 1.18 -13.64 16.68
CA GLU B 419 1.22 -12.83 15.46
C GLU B 419 0.94 -13.70 14.21
N ALA B 420 1.69 -14.80 14.10
CA ALA B 420 1.55 -15.73 12.98
C ALA B 420 0.20 -16.43 13.01
N LEU B 421 -0.22 -16.90 14.19
CA LEU B 421 -1.50 -17.59 14.33
C LEU B 421 -2.66 -16.69 13.89
N ALA B 422 -2.70 -15.48 14.42
CA ALA B 422 -3.74 -14.50 14.09
C ALA B 422 -3.78 -14.24 12.58
N GLY B 423 -2.59 -14.18 11.97
CA GLY B 423 -2.48 -13.97 10.53
C GLY B 423 -3.13 -15.08 9.73
N MET B 424 -2.93 -16.33 10.17
CA MET B 424 -3.55 -17.49 9.50
C MET B 424 -5.06 -17.44 9.68
N GLU B 425 -5.50 -17.17 10.90
CA GLU B 425 -6.93 -17.09 11.20
C GLU B 425 -7.66 -16.05 10.39
N LEU B 426 -7.13 -14.83 10.35
CA LEU B 426 -7.74 -13.75 9.59
C LEU B 426 -7.79 -14.03 8.09
N PHE B 427 -6.69 -14.51 7.53
CA PHE B 427 -6.64 -14.80 6.10
C PHE B 427 -7.53 -15.98 5.68
N LEU B 428 -7.36 -17.12 6.35
CA LEU B 428 -8.13 -18.31 6.04
C LEU B 428 -9.61 -18.21 6.34
N PHE B 429 -9.99 -17.58 7.46
CA PHE B 429 -11.41 -17.41 7.80
C PHE B 429 -12.11 -16.48 6.84
N LEU B 430 -11.52 -15.29 6.64
CA LEU B 430 -12.10 -14.31 5.72
C LEU B 430 -12.21 -14.80 4.28
N THR B 431 -11.15 -15.43 3.76
CA THR B 431 -11.18 -15.97 2.39
C THR B 431 -12.18 -17.12 2.26
N SER B 432 -12.27 -17.97 3.29
CA SER B 432 -13.22 -19.10 3.30
C SER B 432 -14.65 -18.59 3.31
N ILE B 433 -14.91 -17.55 4.10
CA ILE B 433 -16.23 -16.94 4.19
C ILE B 433 -16.63 -16.34 2.85
N LEU B 434 -15.73 -15.54 2.27
CA LEU B 434 -16.01 -14.90 0.98
C LEU B 434 -16.07 -15.81 -0.20
N GLN B 435 -15.31 -16.91 -0.14
CA GLN B 435 -15.33 -17.89 -1.22
C GLN B 435 -16.68 -18.61 -1.26
N ASN B 436 -17.35 -18.69 -0.10
CA ASN B 436 -18.61 -19.40 -0.01
C ASN B 436 -19.87 -18.54 0.04
N PHE B 437 -19.75 -17.31 0.52
CA PHE B 437 -20.90 -16.42 0.64
C PHE B 437 -20.65 -15.01 0.16
N ASN B 438 -21.76 -14.33 -0.08
CA ASN B 438 -21.80 -12.93 -0.45
C ASN B 438 -22.45 -12.35 0.80
N LEU B 439 -22.12 -11.10 1.13
CA LEU B 439 -22.68 -10.51 2.33
C LEU B 439 -23.78 -9.53 2.01
N LYS B 440 -25.00 -9.84 2.44
CA LYS B 440 -26.11 -8.93 2.20
C LYS B 440 -26.34 -8.15 3.48
N SER B 441 -26.63 -6.86 3.32
CA SER B 441 -26.87 -5.97 4.44
C SER B 441 -28.37 -5.74 4.61
N LEU B 442 -28.81 -5.58 5.85
CA LEU B 442 -30.22 -5.33 6.12
C LEU B 442 -30.62 -3.88 5.88
N VAL B 443 -29.76 -2.97 6.32
CA VAL B 443 -30.06 -1.54 6.24
C VAL B 443 -29.26 -0.62 5.31
N ASP B 444 -28.99 -1.06 4.08
CA ASP B 444 -28.30 -0.21 3.10
C ASP B 444 -26.92 0.36 3.54
N PRO B 445 -25.85 0.07 2.75
CA PRO B 445 -24.47 0.51 3.01
C PRO B 445 -24.29 1.99 3.26
N LYS B 446 -25.05 2.81 2.52
CA LYS B 446 -25.03 4.27 2.65
C LYS B 446 -25.15 4.75 4.10
N ASN B 447 -25.97 4.01 4.87
CA ASN B 447 -26.23 4.32 6.26
C ASN B 447 -25.23 3.91 7.33
N LEU B 448 -25.10 2.59 7.57
CA LEU B 448 -24.21 2.04 8.62
C LEU B 448 -22.87 2.71 8.90
N ASP B 449 -22.68 3.03 10.17
CA ASP B 449 -21.49 3.67 10.70
C ASP B 449 -20.45 2.61 11.03
N THR B 450 -19.19 2.89 10.68
CA THR B 450 -18.09 1.95 10.93
C THR B 450 -17.04 2.49 11.89
N THR B 451 -17.27 3.70 12.39
CA THR B 451 -16.33 4.34 13.30
C THR B 451 -16.20 3.50 14.58
N PRO B 452 -14.95 3.18 14.98
CA PRO B 452 -14.71 2.38 16.20
C PRO B 452 -15.26 3.04 17.45
N VAL B 453 -15.79 2.20 18.33
CA VAL B 453 -16.34 2.66 19.61
C VAL B 453 -15.28 2.22 20.63
N VAL B 454 -14.75 3.19 21.38
CA VAL B 454 -13.70 2.92 22.35
C VAL B 454 -14.18 2.76 23.80
N ASN B 455 -13.86 1.63 24.42
CA ASN B 455 -14.27 1.32 25.80
C ASN B 455 -13.06 1.19 26.74
N GLY B 456 -12.58 2.31 27.26
CA GLY B 456 -11.42 2.24 28.14
C GLY B 456 -10.16 2.07 27.31
N PHE B 457 -9.67 0.83 27.18
CA PHE B 457 -8.45 0.54 26.41
C PHE B 457 -8.50 -0.46 25.29
N ALA B 458 -9.71 -0.63 24.73
CA ALA B 458 -9.95 -1.55 23.63
C ALA B 458 -11.08 -1.01 22.77
N SER B 459 -10.91 -1.11 21.44
CA SER B 459 -11.89 -0.66 20.47
C SER B 459 -12.75 -1.83 20.04
N VAL B 460 -13.99 -1.56 19.67
CA VAL B 460 -14.89 -2.62 19.21
C VAL B 460 -15.81 -1.96 18.19
N PRO B 461 -16.42 -2.76 17.29
CA PRO B 461 -17.32 -2.16 16.31
C PRO B 461 -18.74 -2.01 16.80
N PRO B 462 -19.57 -1.23 16.08
CA PRO B 462 -20.96 -1.06 16.49
C PRO B 462 -21.69 -2.36 16.12
N PHE B 463 -22.86 -2.56 16.70
CA PHE B 463 -23.63 -3.76 16.43
C PHE B 463 -24.19 -3.67 15.01
N TYR B 464 -24.29 -4.82 14.35
CA TYR B 464 -24.85 -4.91 13.01
C TYR B 464 -25.31 -6.34 12.75
N GLN B 465 -26.10 -6.49 11.70
CA GLN B 465 -26.56 -7.79 11.28
C GLN B 465 -26.27 -7.91 9.80
N LEU B 466 -26.24 -9.14 9.29
CA LEU B 466 -26.00 -9.38 7.87
C LEU B 466 -26.48 -10.79 7.53
N CYS B 467 -26.60 -11.07 6.24
CA CYS B 467 -27.03 -12.38 5.78
C CYS B 467 -25.90 -13.01 4.99
N PHE B 468 -25.67 -14.30 5.21
CA PHE B 468 -24.64 -15.01 4.49
C PHE B 468 -25.28 -15.81 3.37
N ILE B 469 -25.38 -15.15 2.22
CA ILE B 469 -25.98 -15.71 1.02
C ILE B 469 -24.97 -16.54 0.24
N PRO B 470 -25.19 -17.88 0.14
CA PRO B 470 -24.29 -18.78 -0.60
C PRO B 470 -24.16 -18.39 -2.06
N VAL B 471 -22.94 -18.45 -2.58
CA VAL B 471 -22.66 -18.08 -3.97
C VAL B 471 -23.20 -19.07 -5.01
FE HEC C . 2.05 8.77 -19.45
CHA HEC C . -0.18 11.35 -19.44
CHB HEC C . 4.22 10.82 -17.72
CHC HEC C . 4.33 6.22 -19.46
CHD HEC C . -0.13 6.78 -21.09
NA HEC C . 2.02 10.74 -18.72
C1A HEC C . 0.98 11.64 -18.82
C2A HEC C . 1.28 12.91 -18.18
C3A HEC C . 2.57 12.79 -17.66
C4A HEC C . 3.00 11.40 -18.03
CMA HEC C . 3.40 13.80 -16.88
CAA HEC C . 0.24 14.00 -18.20
CBA HEC C . 0.07 14.62 -16.86
CGA HEC C . -1.04 15.64 -16.71
O1A HEC C . -1.95 15.64 -17.57
O2A HEC C . -1.07 16.31 -15.64
NB HEC C . 3.92 8.58 -18.74
C1B HEC C . 4.65 9.55 -18.03
C2B HEC C . 5.96 9.00 -17.70
C3B HEC C . 6.00 7.71 -18.20
C4B HEC C . 4.71 7.46 -18.85
CMB HEC C . 7.02 9.78 -16.92
CAB HEC C . 7.08 6.70 -18.14
CBB HEC C . 8.35 6.87 -17.81
NC HEC C . 2.09 6.79 -20.17
C1C HEC C . 3.11 5.90 -20.07
C2C HEC C . 2.71 4.59 -20.65
C3C HEC C . 1.41 4.76 -21.12
C4C HEC C . 1.04 6.17 -20.81
CMC HEC C . 3.61 3.35 -20.70
CAC HEC C . 0.48 3.79 -21.82
CBC HEC C . -0.82 3.61 -21.61
ND HEC C . 0.19 9.05 -20.14
C1D HEC C . -0.55 8.09 -20.80
C2D HEC C . -1.80 8.63 -21.15
C3D HEC C . -1.82 9.92 -20.69
C4D HEC C . -0.57 10.17 -20.05
CMD HEC C . -2.89 7.90 -21.90
CAD HEC C . -2.97 10.88 -20.83
CBD HEC C . -3.71 11.02 -19.49
CGD HEC C . -4.89 11.98 -19.64
O1D HEC C . -5.91 11.76 -18.94
O2D HEC C . -4.79 12.93 -20.45
C1 SWF D . 3.33 19.96 -28.97
C2 SWF D . 3.02 21.39 -28.59
O3 SWF D . 2.87 22.21 -29.47
C4 SWF D . 2.93 21.88 -27.11
C5 SWF D . 2.74 20.72 -26.03
C6 SWF D . 3.05 21.12 -24.56
C7 SWF D . 2.84 22.47 -24.07
C8 SWF D . 3.12 22.78 -22.68
C9 SWF D . 3.60 21.75 -21.78
C10 SWF D . 3.81 20.41 -22.25
C11 SWF D . 3.54 20.09 -23.62
C12 SWF D . 1.30 20.13 -25.86
C13 SWF D . 1.19 18.73 -25.70
O14 SWF D . 2.34 17.95 -25.70
C15 SWF D . -0.15 18.11 -25.50
C16 SWF D . -0.27 16.71 -25.32
C17 SWF D . -1.56 16.18 -25.12
C18 SWF D . -2.74 16.99 -25.11
C19 SWF D . -2.64 18.40 -25.30
C20 SWF D . -1.35 18.98 -25.49
O21 SWF D . -1.19 20.35 -25.68
C22 SWF D . 0.07 20.92 -25.84
O23 SWF D . 0.13 22.11 -25.98
FE HEC E . -2.31 -10.96 20.74
CHA HEC E . -0.18 -9.57 23.12
CHB HEC E . -2.77 -7.83 19.41
CHC HEC E . -4.42 -12.34 18.28
CHD HEC E . -1.77 -14.11 21.95
NA HEC E . -1.59 -9.03 21.20
C1A HEC E . -0.71 -8.67 22.25
C2A HEC E . -0.46 -7.20 22.19
C3A HEC E . -1.20 -6.72 21.13
C4A HEC E . -1.90 -7.89 20.53
CMA HEC E . -1.29 -5.29 20.67
CAA HEC E . 0.41 -6.29 23.07
CBA HEC E . 1.83 -6.75 23.35
CGA HEC E . 2.66 -5.70 24.09
O1A HEC E . 2.89 -5.75 25.30
O2A HEC E . 3.10 -4.78 23.36
NB HEC E . -3.40 -10.23 19.15
C1B HEC E . -3.43 -8.88 18.77
C2B HEC E . -4.31 -8.71 17.61
C3B HEC E . -4.79 -9.98 17.29
C4B HEC E . -4.21 -10.93 18.27
CMB HEC E . -4.57 -7.36 16.94
CAB HEC E . -5.70 -10.39 16.20
CBB HEC E . -6.50 -9.62 15.48
NC HEC E . -2.98 -12.92 20.21
C1C HEC E . -3.86 -13.27 19.18
C2C HEC E . -4.03 -14.78 19.15
C3C HEC E . -3.26 -15.26 20.20
C4C HEC E . -2.62 -14.08 20.85
CMC HEC E . -4.90 -15.56 18.16
CAC HEC E . -3.04 -16.69 20.68
CBC HEC E . -1.88 -17.31 20.91
ND HEC E . -1.20 -11.71 22.26
C1D HEC E . -1.11 -13.04 22.61
C2D HEC E . -0.26 -13.18 23.76
C3D HEC E . 0.18 -11.91 24.09
C4D HEC E . -0.38 -10.99 23.15
CMD HEC E . 0.08 -14.47 24.46
CAD HEC E . 1.11 -11.51 25.23
CBD HEC E . 2.61 -11.72 24.91
CGD HEC E . 3.50 -11.26 26.11
O1D HEC E . 4.72 -11.46 26.02
O2D HEC E . 2.95 -10.68 27.08
C1 SWF F . -7.77 -3.78 33.43
C2 SWF F . -6.68 -2.84 33.92
O3 SWF F . -6.42 -2.81 35.11
C4 SWF F . -5.92 -1.93 32.94
C5 SWF F . -5.43 -2.68 31.62
C6 SWF F . -4.83 -1.73 30.54
C7 SWF F . -4.41 -0.37 30.84
C8 SWF F . -3.85 0.45 29.81
C9 SWF F . -3.68 -0.06 28.46
C10 SWF F . -4.08 -1.40 28.14
C11 SWF F . -4.65 -2.23 29.16
C12 SWF F . -4.26 -3.73 31.81
C13 SWF F . -4.35 -4.97 31.11
O14 SWF F . -5.45 -5.23 30.30
C15 SWF F . -3.25 -5.97 31.25
C16 SWF F . -3.29 -7.21 30.54
C17 SWF F . -2.22 -8.11 30.69
C18 SWF F . -1.09 -7.81 31.54
C19 SWF F . -1.02 -6.59 32.25
C20 SWF F . -2.09 -5.64 32.12
O21 SWF F . -2.07 -4.43 32.80
C22 SWF F . -3.09 -3.50 32.65
O23 SWF F . -2.98 -2.48 33.24
#